data_1R1A
#
_entry.id   1R1A
#
_cell.length_a   341.300
_cell.length_b   341.300
_cell.length_c   465.900
_cell.angle_alpha   90.00
_cell.angle_beta   90.00
_cell.angle_gamma   120.00
#
_symmetry.space_group_name_H-M   'P 63 2 2'
#
loop_
_entity.id
_entity.type
_entity.pdbx_description
1 polymer 'HUMAN RHINOVIRUS 1A COAT PROTEIN (SUBUNIT VP1)'
2 polymer 'HUMAN RHINOVIRUS 1A COAT PROTEIN (SUBUNIT VP2)'
3 polymer 'HUMAN RHINOVIRUS 1A COAT PROTEIN (SUBUNIT VP3)'
4 polymer 'HUMAN RHINOVIRUS 1A COAT PROTEIN (SUBUNIT VP4)'
5 branched beta-D-fructofuranose-(2-1)-alpha-D-glucopyranose
#
loop_
_entity_poly.entity_id
_entity_poly.type
_entity_poly.pdbx_seq_one_letter_code
_entity_poly.pdbx_strand_id
1 'polypeptide(L)'
;NPVENYIDEVLNEVLVVPNIKESHHTTSNSAPLLDAAETGHTSNVQPEDAIETRYVITSQTRDEMSIESFLGRSGCVHIS
RIKVDYTDYNGQDINFTKWKITLQEMAQIRRKFELFTYVRFDSEITLVPCIAGRGDDIGHIVMQYMYVPPGAPIPSKRND
FSWQSGTNMSIFWQHGQPFPRFSIPFLSIASAYYMFYDGYDGDNTSSKYGSVVTNDMGTICSRIVTEKQKLSVVITTHIY
HKAKHTKAWCPRPPRAVPYTHSHVTNYMPETGDVTTAIVRRNTITTA
;
1
2 'polypeptide(L)'
;SPSVEACGYSDRIMQITRGDSTISSDDVANAVVGYGVWPHYLTPQDATAINKPTQPDTSSNRFYTLESKHWNGSSKGWWW
KLPDALKDMGIFGENMYYHFLGRSGYTVHVQCNASKFHQGTLLVAMIPEHQLASAKHGSVTAGYKLTHPGEAGRDVSQER
DASLRQPSDDSWLNFDGTLLGNLLIFPHQFINLRSNNSATLIVPYVNAVPMDSMLRHNNWCLVIIPISPLRSETTSSNIV
PITVSISPMCAEFSGARAKNIKQ
;
2
3 'polypeptide(L)'
;GLPVYITPGSGQFMTTDDMQSPCALPWYHPTKEISIPGEVKNLIEMCQVDTLIPVNNVGNNVGNVSMYTVQLGNQTGMAQ
KVFSIKVDITSTPLATTLIGEIASYYTHWTGSLRFSFMFCGTANTTLKLLLAYTPPGIDEPTTRKDAMLGTHVVWDVGLQ
STISLVVPWVSASHFRLTADNKYSMAGYITCWYQTNLVVPPSTPQTADMLCFVSACKDFCLRMARDTDLHIQSGPIEQ
;
3
4 'polypeptide(L)' GAGVSRQNVGTHSTQNSVSNGSSLNYFNINYFKDAASSGASRLD 4
#
# COMPACT_ATOMS: atom_id res chain seq x y z
N ASN A 5 30.01 2.59 -14.32
CA ASN A 5 28.83 1.68 -14.40
C ASN A 5 29.26 0.38 -13.67
N TYR A 6 30.24 -0.27 -14.31
CA TYR A 6 30.72 -1.47 -13.63
C TYR A 6 30.86 -1.25 -12.12
N ILE A 7 31.93 -0.59 -11.80
CA ILE A 7 32.37 -0.29 -10.43
C ILE A 7 31.15 0.09 -9.63
N ASP A 8 30.52 1.14 -10.20
CA ASP A 8 29.26 1.62 -9.56
C ASP A 8 28.17 0.57 -9.35
N GLU A 9 28.07 -0.41 -10.20
CA GLU A 9 27.20 -1.56 -10.32
C GLU A 9 27.71 -2.87 -9.72
N VAL A 10 29.00 -2.94 -9.51
CA VAL A 10 29.71 -4.13 -9.02
C VAL A 10 30.06 -3.88 -7.58
N LEU A 11 30.18 -2.56 -7.41
CA LEU A 11 30.54 -2.06 -6.06
C LEU A 11 29.26 -1.71 -5.30
N ASN A 12 28.27 -1.64 -6.18
CA ASN A 12 26.86 -1.38 -5.82
C ASN A 12 26.92 -0.05 -5.07
N GLU A 13 26.97 0.96 -5.92
CA GLU A 13 27.02 2.36 -5.52
C GLU A 13 26.24 3.20 -6.51
N VAL A 14 25.22 2.58 -7.06
CA VAL A 14 24.39 3.25 -8.06
C VAL A 14 23.60 4.39 -7.47
N LEU A 15 22.73 4.11 -6.50
CA LEU A 15 21.86 5.09 -5.83
C LEU A 15 22.47 5.50 -4.51
N VAL A 16 23.25 6.55 -4.52
CA VAL A 16 23.84 6.92 -3.20
C VAL A 16 23.06 8.07 -2.57
N VAL A 17 23.10 8.07 -1.25
CA VAL A 17 22.42 9.04 -0.39
C VAL A 17 23.41 10.16 -0.10
N PRO A 18 22.89 11.35 -0.02
CA PRO A 18 23.61 12.59 0.22
C PRO A 18 24.34 12.58 1.54
N ASN A 19 25.20 13.56 1.74
CA ASN A 19 25.89 13.51 3.05
C ASN A 19 25.26 14.63 3.87
N ILE A 20 25.64 14.63 5.09
CA ILE A 20 25.21 15.49 6.14
C ILE A 20 26.30 16.53 6.27
N LYS A 21 25.93 17.68 5.78
CA LYS A 21 26.81 18.85 5.86
C LYS A 21 27.00 19.35 7.29
N GLU A 22 27.73 20.44 7.40
CA GLU A 22 27.98 21.08 8.68
C GLU A 22 27.02 22.25 8.88
N SER A 23 26.67 22.44 10.14
CA SER A 23 25.80 23.57 10.45
C SER A 23 26.46 24.39 11.56
N HIS A 24 25.77 25.50 11.66
CA HIS A 24 26.03 26.56 12.63
C HIS A 24 24.67 26.92 13.23
N HIS A 25 24.72 27.83 14.22
CA HIS A 25 23.47 28.17 14.92
C HIS A 25 22.58 29.13 14.19
N THR A 26 21.32 29.13 14.55
CA THR A 26 20.46 30.08 13.80
C THR A 26 19.48 30.69 14.77
N THR A 27 19.64 31.98 14.81
CA THR A 27 18.81 32.85 15.67
C THR A 27 18.01 33.66 14.68
N SER A 28 17.44 32.96 13.72
CA SER A 28 16.67 33.56 12.63
C SER A 28 15.21 33.19 12.36
N ASN A 29 14.50 34.20 11.96
CA ASN A 29 13.12 34.26 11.55
C ASN A 29 12.51 32.97 11.00
N SER A 30 12.82 32.67 9.74
CA SER A 30 12.28 31.44 9.14
C SER A 30 12.69 30.14 9.88
N ALA A 31 11.59 29.56 10.32
CA ALA A 31 11.47 28.32 11.06
C ALA A 31 11.00 27.16 10.18
N PRO A 32 12.00 26.44 9.73
CA PRO A 32 11.84 25.29 8.83
C PRO A 32 11.17 24.15 9.60
N LEU A 33 11.32 24.19 10.90
CA LEU A 33 10.75 23.10 11.70
C LEU A 33 9.25 23.14 11.84
N LEU A 34 8.68 24.22 11.39
CA LEU A 34 7.24 24.47 11.44
C LEU A 34 6.54 24.31 10.13
N ASP A 35 5.76 23.32 9.85
CA ASP A 35 5.08 23.24 8.52
C ASP A 35 3.69 22.72 8.87
N ALA A 36 2.68 22.75 8.03
CA ALA A 36 1.34 22.24 8.33
C ALA A 36 0.96 21.06 7.45
N ALA A 37 1.28 19.93 7.98
CA ALA A 37 1.09 18.56 7.54
C ALA A 37 -0.32 18.17 7.03
N GLU A 38 -1.18 19.15 7.21
CA GLU A 38 -2.58 19.07 6.79
C GLU A 38 -2.67 19.22 5.28
N THR A 39 -1.67 19.81 4.67
CA THR A 39 -1.46 20.11 3.25
C THR A 39 -1.30 18.80 2.50
N GLY A 40 -1.21 17.87 3.41
CA GLY A 40 -1.10 16.47 3.03
C GLY A 40 0.31 16.22 2.57
N HIS A 41 1.06 17.28 2.33
CA HIS A 41 2.46 17.01 1.88
C HIS A 41 3.40 16.51 2.98
N THR A 42 4.63 16.24 2.52
CA THR A 42 5.54 15.79 3.59
C THR A 42 6.57 16.87 3.83
N SER A 43 6.90 16.91 5.12
CA SER A 43 7.91 17.85 5.58
C SER A 43 9.21 17.42 4.81
N ASN A 44 10.00 18.46 4.84
CA ASN A 44 11.33 18.51 4.27
C ASN A 44 12.25 19.07 5.35
N VAL A 45 12.55 18.37 6.41
CA VAL A 45 13.43 19.07 7.41
C VAL A 45 14.57 18.09 7.51
N GLN A 46 15.72 18.60 7.90
CA GLN A 46 16.85 17.67 7.99
C GLN A 46 17.65 17.92 9.24
N PRO A 47 18.62 17.06 9.34
CA PRO A 47 19.51 17.10 10.52
C PRO A 47 20.07 18.50 10.64
N GLU A 48 20.71 18.86 9.54
CA GLU A 48 21.37 20.15 9.38
C GLU A 48 20.44 21.28 9.77
N ASP A 49 19.15 21.13 9.58
CA ASP A 49 18.22 22.18 9.97
C ASP A 49 17.97 22.43 11.47
N ALA A 50 17.71 21.35 12.16
CA ALA A 50 17.37 21.17 13.55
C ALA A 50 18.49 21.24 14.56
N ILE A 51 19.66 20.79 14.12
CA ILE A 51 20.81 20.76 15.01
C ILE A 51 22.02 21.40 14.32
N GLU A 52 23.08 21.34 15.12
CA GLU A 52 24.39 21.81 14.71
C GLU A 52 25.18 20.54 14.46
N THR A 53 24.98 20.11 13.27
CA THR A 53 25.46 18.95 12.54
C THR A 53 26.96 19.12 12.32
N ARG A 54 27.61 18.11 11.77
CA ARG A 54 29.05 18.18 11.54
C ARG A 54 29.40 18.09 10.08
N TYR A 55 29.79 16.91 9.66
CA TYR A 55 30.17 16.71 8.26
C TYR A 55 30.48 15.23 8.08
N VAL A 56 29.51 14.60 7.42
CA VAL A 56 29.74 13.16 7.28
C VAL A 56 29.50 12.88 5.81
N ILE A 57 30.54 12.34 5.20
CA ILE A 57 30.48 11.96 3.79
C ILE A 57 29.89 10.56 3.86
N THR A 58 28.76 10.38 3.26
CA THR A 58 28.03 9.09 3.33
C THR A 58 28.57 8.02 2.43
N SER A 59 27.85 6.93 2.24
CA SER A 59 28.41 5.81 1.39
C SER A 59 27.51 4.58 1.47
N GLN A 60 26.23 4.91 1.45
CA GLN A 60 25.19 3.90 1.61
C GLN A 60 24.44 4.11 0.29
N THR A 61 24.22 2.91 -0.21
CA THR A 61 23.49 2.89 -1.47
C THR A 61 22.08 2.46 -1.18
N ARG A 62 21.20 2.93 -2.04
CA ARG A 62 19.78 2.59 -1.92
C ARG A 62 19.56 1.60 -3.05
N ASP A 63 20.61 0.85 -3.31
CA ASP A 63 20.51 -0.15 -4.40
C ASP A 63 19.54 -1.24 -3.94
N GLU A 64 19.85 -1.90 -2.86
CA GLU A 64 18.96 -2.97 -2.34
C GLU A 64 17.60 -2.41 -2.00
N MET A 65 17.28 -1.14 -2.08
CA MET A 65 15.96 -0.54 -1.81
C MET A 65 15.25 -0.18 -3.10
N SER A 66 15.28 -1.04 -4.06
CA SER A 66 14.75 -0.93 -5.39
C SER A 66 13.71 -1.99 -5.60
N ILE A 67 12.67 -1.49 -6.15
CA ILE A 67 11.58 -2.42 -6.47
C ILE A 67 12.20 -3.65 -7.11
N GLU A 68 13.47 -3.73 -7.52
CA GLU A 68 13.85 -5.03 -8.13
C GLU A 68 14.51 -5.99 -7.16
N SER A 69 15.09 -5.46 -6.09
CA SER A 69 15.75 -6.31 -5.09
C SER A 69 14.75 -6.48 -3.97
N PHE A 70 13.62 -5.80 -4.06
CA PHE A 70 12.58 -5.86 -3.05
C PHE A 70 11.68 -6.96 -3.64
N LEU A 71 11.50 -6.78 -4.92
CA LEU A 71 10.63 -7.83 -5.51
C LEU A 71 11.46 -8.99 -6.00
N GLY A 72 12.39 -8.93 -6.90
CA GLY A 72 13.21 -9.97 -7.48
C GLY A 72 13.88 -11.01 -6.62
N ARG A 73 13.11 -11.86 -5.98
CA ARG A 73 13.45 -12.96 -5.06
C ARG A 73 12.44 -14.11 -5.16
N SER A 74 12.87 -15.32 -5.44
CA SER A 74 12.01 -16.50 -5.58
C SER A 74 11.25 -16.90 -4.33
N GLY A 75 9.96 -17.21 -4.44
CA GLY A 75 9.06 -17.55 -3.36
C GLY A 75 8.00 -18.59 -3.67
N CYS A 76 7.86 -19.54 -2.75
CA CYS A 76 6.94 -20.68 -2.84
C CYS A 76 5.58 -20.05 -3.04
N VAL A 77 4.88 -20.48 -4.07
CA VAL A 77 3.55 -19.86 -4.31
C VAL A 77 2.50 -20.93 -4.51
N HIS A 78 3.16 -22.11 -4.48
CA HIS A 78 2.39 -23.34 -4.71
C HIS A 78 3.27 -24.57 -4.60
N ILE A 79 2.60 -25.55 -4.01
CA ILE A 79 3.16 -26.87 -3.73
C ILE A 79 2.32 -27.97 -4.34
N SER A 80 2.46 -28.22 -5.59
CA SER A 80 1.77 -29.34 -6.25
C SER A 80 2.19 -30.68 -5.57
N ARG A 81 1.13 -31.44 -5.34
CA ARG A 81 1.17 -32.76 -4.69
C ARG A 81 0.40 -33.78 -5.52
N ILE A 82 0.98 -35.00 -5.54
CA ILE A 82 0.46 -36.17 -6.21
C ILE A 82 0.72 -37.45 -5.39
N LYS A 83 -0.34 -37.88 -4.74
CA LYS A 83 -0.23 -39.15 -3.95
C LYS A 83 -0.66 -40.15 -5.04
N VAL A 84 0.40 -40.73 -5.61
CA VAL A 84 0.09 -41.65 -6.73
C VAL A 84 -0.78 -42.79 -6.21
N ASP A 85 -1.32 -43.41 -7.23
CA ASP A 85 -2.21 -44.58 -7.20
C ASP A 85 -1.79 -45.56 -8.30
N TYR A 86 -1.85 -46.85 -8.01
CA TYR A 86 -1.41 -47.77 -9.12
C TYR A 86 -2.59 -48.69 -9.44
N THR A 87 -3.45 -48.67 -8.44
CA THR A 87 -4.72 -49.42 -8.43
C THR A 87 -5.55 -49.02 -9.68
N ASP A 88 -5.84 -47.73 -9.73
CA ASP A 88 -6.56 -47.10 -10.82
C ASP A 88 -5.57 -46.02 -11.27
N TYR A 89 -5.24 -46.26 -12.53
CA TYR A 89 -4.30 -45.33 -13.20
C TYR A 89 -5.24 -44.62 -14.17
N ASN A 90 -5.00 -43.33 -14.24
CA ASN A 90 -5.93 -42.66 -15.24
C ASN A 90 -7.21 -42.41 -14.43
N GLY A 91 -8.36 -42.95 -14.84
CA GLY A 91 -9.53 -42.59 -13.95
C GLY A 91 -9.67 -41.06 -14.12
N GLN A 92 -10.79 -40.55 -13.60
CA GLN A 92 -11.07 -39.10 -13.77
C GLN A 92 -10.61 -38.17 -12.67
N ASP A 93 -9.67 -37.29 -13.06
CA ASP A 93 -9.18 -36.31 -12.06
C ASP A 93 -8.15 -36.99 -11.17
N ILE A 94 -7.24 -37.76 -11.75
CA ILE A 94 -6.23 -38.45 -10.93
C ILE A 94 -4.81 -38.58 -11.49
N ASN A 95 -4.00 -38.55 -10.43
CA ASN A 95 -2.54 -38.72 -10.67
C ASN A 95 -1.87 -37.63 -11.54
N PHE A 96 -2.71 -36.62 -11.75
CA PHE A 96 -2.37 -35.44 -12.52
C PHE A 96 -3.02 -34.28 -11.75
N THR A 97 -2.21 -33.25 -11.56
CA THR A 97 -2.61 -32.01 -10.89
C THR A 97 -2.92 -30.91 -11.92
N LYS A 98 -3.76 -30.00 -11.48
CA LYS A 98 -4.15 -28.81 -12.23
C LYS A 98 -4.34 -27.68 -11.20
N TRP A 99 -3.53 -26.64 -11.36
CA TRP A 99 -3.48 -25.42 -10.60
C TRP A 99 -3.66 -24.18 -11.46
N LYS A 100 -4.45 -23.29 -10.91
CA LYS A 100 -4.74 -21.99 -11.53
C LYS A 100 -3.82 -20.99 -10.80
N ILE A 101 -2.89 -20.53 -11.60
CA ILE A 101 -1.80 -19.61 -11.38
C ILE A 101 -2.18 -18.38 -10.61
N THR A 102 -1.40 -17.96 -9.63
CA THR A 102 -1.69 -16.77 -8.84
C THR A 102 -0.61 -16.60 -7.78
N LEU A 103 -0.42 -15.34 -7.49
CA LEU A 103 0.59 -15.06 -6.48
C LEU A 103 0.04 -15.02 -5.07
N GLN A 104 -1.25 -15.24 -4.92
CA GLN A 104 -1.80 -15.12 -3.55
C GLN A 104 -2.33 -16.38 -2.89
N GLU A 105 -1.71 -17.50 -3.13
CA GLU A 105 -2.15 -18.79 -2.56
C GLU A 105 -1.13 -18.96 -1.41
N MET A 106 -0.25 -17.97 -1.30
CA MET A 106 0.78 -18.04 -0.26
C MET A 106 1.08 -16.70 0.33
N ALA A 107 0.73 -16.49 1.60
CA ALA A 107 0.98 -15.16 2.23
C ALA A 107 2.36 -14.65 1.81
N GLN A 108 3.30 -14.65 2.69
CA GLN A 108 4.67 -14.26 2.43
C GLN A 108 5.04 -13.18 1.43
N ILE A 109 4.89 -13.52 0.19
CA ILE A 109 5.08 -13.01 -1.16
C ILE A 109 3.88 -12.23 -1.63
N ARG A 110 2.69 -12.72 -1.37
CA ARG A 110 1.42 -12.08 -1.70
C ARG A 110 1.54 -10.73 -1.00
N ARG A 111 1.88 -10.87 0.27
CA ARG A 111 2.05 -9.70 1.15
C ARG A 111 2.72 -8.48 0.52
N LYS A 112 3.93 -8.76 0.14
CA LYS A 112 5.03 -8.03 -0.46
C LYS A 112 4.67 -7.19 -1.67
N PHE A 113 3.89 -7.79 -2.54
CA PHE A 113 3.41 -7.09 -3.74
C PHE A 113 2.40 -6.05 -3.29
N GLU A 114 1.30 -6.65 -2.88
CA GLU A 114 0.14 -5.96 -2.31
C GLU A 114 0.50 -4.59 -1.75
N LEU A 115 1.77 -4.32 -1.58
CA LEU A 115 2.35 -3.08 -1.12
C LEU A 115 2.14 -1.96 -2.17
N PHE A 116 1.75 -2.40 -3.36
CA PHE A 116 1.44 -1.58 -4.53
C PHE A 116 0.11 -1.99 -5.22
N THR A 117 -0.53 -1.00 -5.81
CA THR A 117 -1.76 -1.16 -6.54
C THR A 117 -1.58 -1.90 -7.87
N TYR A 118 -0.63 -1.40 -8.63
CA TYR A 118 -0.41 -2.07 -9.94
C TYR A 118 1.01 -2.58 -10.04
N VAL A 119 1.25 -3.59 -10.84
CA VAL A 119 2.61 -4.15 -10.92
C VAL A 119 2.74 -4.69 -12.32
N ARG A 120 3.90 -4.93 -12.78
CA ARG A 120 4.17 -5.50 -14.09
C ARG A 120 5.56 -6.12 -14.04
N PHE A 121 5.73 -7.20 -14.76
CA PHE A 121 7.00 -7.90 -14.81
C PHE A 121 6.92 -9.25 -15.55
N ASP A 122 8.14 -9.62 -15.93
CA ASP A 122 8.44 -10.91 -16.56
C ASP A 122 8.71 -11.77 -15.30
N SER A 123 8.21 -12.97 -15.36
CA SER A 123 8.30 -13.95 -14.28
C SER A 123 9.15 -15.16 -14.65
N GLU A 124 9.96 -15.61 -13.71
CA GLU A 124 10.80 -16.78 -13.86
C GLU A 124 10.27 -17.79 -12.79
N ILE A 125 9.86 -18.91 -13.34
CA ILE A 125 9.32 -20.03 -12.59
C ILE A 125 10.36 -21.12 -12.55
N THR A 126 10.56 -21.58 -11.34
CA THR A 126 11.45 -22.66 -10.95
C THR A 126 10.62 -23.73 -10.22
N LEU A 127 10.78 -24.93 -10.71
CA LEU A 127 10.13 -26.17 -10.26
C LEU A 127 11.05 -27.05 -9.42
N VAL A 128 10.71 -27.31 -8.20
CA VAL A 128 11.53 -28.17 -7.35
C VAL A 128 10.84 -29.47 -6.99
N PRO A 129 10.77 -30.41 -7.88
CA PRO A 129 10.18 -31.70 -7.56
C PRO A 129 11.05 -32.51 -6.58
N CYS A 130 10.37 -33.06 -5.60
CA CYS A 130 10.88 -33.90 -4.53
C CYS A 130 10.03 -35.19 -4.49
N ILE A 131 10.72 -36.28 -4.78
CA ILE A 131 10.17 -37.62 -4.83
C ILE A 131 10.30 -38.45 -3.56
N ALA A 132 9.24 -38.55 -2.79
CA ALA A 132 9.23 -39.35 -1.57
C ALA A 132 8.83 -40.79 -1.92
N GLY A 133 9.79 -41.61 -1.48
CA GLY A 133 9.85 -43.08 -1.60
C GLY A 133 9.07 -43.70 -0.42
N ARG A 134 8.00 -44.30 -0.89
CA ARG A 134 7.05 -44.95 0.04
C ARG A 134 7.08 -46.45 -0.24
N GLY A 135 7.96 -46.71 -1.20
CA GLY A 135 8.27 -48.05 -1.72
C GLY A 135 9.76 -48.34 -1.42
N ASP A 136 10.15 -49.54 -1.75
CA ASP A 136 11.50 -50.07 -1.64
C ASP A 136 12.38 -49.74 -2.86
N ASP A 137 11.93 -48.88 -3.75
CA ASP A 137 12.66 -48.47 -4.96
C ASP A 137 11.78 -47.60 -5.85
N ILE A 138 12.20 -46.36 -6.06
CA ILE A 138 11.41 -45.43 -6.89
C ILE A 138 11.48 -45.44 -8.40
N GLY A 139 12.41 -46.19 -8.97
CA GLY A 139 12.63 -46.37 -10.37
C GLY A 139 13.06 -45.03 -10.94
N HIS A 140 12.50 -44.83 -12.11
CA HIS A 140 12.75 -43.66 -12.99
C HIS A 140 11.43 -42.95 -13.20
N ILE A 141 11.19 -41.97 -12.37
CA ILE A 141 9.91 -41.26 -12.46
C ILE A 141 9.97 -39.97 -13.24
N VAL A 142 9.80 -39.97 -14.54
CA VAL A 142 9.73 -38.82 -15.44
C VAL A 142 8.53 -37.92 -15.10
N MET A 143 8.63 -36.66 -15.52
CA MET A 143 7.52 -35.74 -15.21
C MET A 143 7.13 -34.76 -16.28
N GLN A 144 5.88 -34.40 -16.38
CA GLN A 144 5.48 -33.41 -17.39
C GLN A 144 4.65 -32.31 -16.75
N TYR A 145 5.13 -31.09 -16.86
CA TYR A 145 4.50 -29.86 -16.38
C TYR A 145 4.12 -29.06 -17.65
N MET A 146 2.83 -29.08 -17.88
CA MET A 146 2.18 -28.41 -19.00
C MET A 146 1.47 -27.15 -18.51
N TYR A 147 1.59 -26.11 -19.32
CA TYR A 147 1.01 -24.82 -19.02
C TYR A 147 -0.21 -24.65 -19.91
N VAL A 148 -1.36 -24.54 -19.32
CA VAL A 148 -2.59 -24.39 -20.09
C VAL A 148 -3.18 -22.98 -20.00
N PRO A 149 -2.95 -22.22 -21.05
CA PRO A 149 -3.49 -20.85 -21.16
C PRO A 149 -5.01 -21.01 -21.18
N PRO A 150 -5.58 -19.87 -20.82
CA PRO A 150 -7.05 -19.84 -20.75
C PRO A 150 -7.61 -20.28 -22.09
N GLY A 151 -8.67 -21.00 -21.87
CA GLY A 151 -9.60 -21.62 -22.83
C GLY A 151 -8.82 -22.70 -23.53
N ALA A 152 -8.63 -23.80 -22.91
CA ALA A 152 -7.84 -24.88 -23.55
C ALA A 152 -8.27 -26.18 -22.91
N PRO A 153 -8.07 -27.28 -23.58
CA PRO A 153 -8.42 -28.60 -23.05
C PRO A 153 -7.48 -28.87 -21.87
N ILE A 154 -8.15 -28.96 -20.72
CA ILE A 154 -7.48 -29.25 -19.47
C ILE A 154 -7.82 -30.74 -19.31
N PRO A 155 -6.72 -31.44 -19.09
CA PRO A 155 -6.79 -32.88 -18.95
C PRO A 155 -7.78 -33.28 -17.88
N SER A 156 -8.75 -34.01 -18.37
CA SER A 156 -9.86 -34.64 -17.67
C SER A 156 -9.25 -35.66 -16.68
N LYS A 157 -8.21 -36.24 -17.26
CA LYS A 157 -7.45 -37.24 -16.55
C LYS A 157 -6.23 -37.64 -17.35
N ARG A 158 -5.24 -37.85 -16.54
CA ARG A 158 -3.89 -38.28 -16.86
C ARG A 158 -3.49 -38.42 -18.30
N ASN A 159 -4.00 -39.30 -19.11
CA ASN A 159 -3.54 -39.30 -20.52
C ASN A 159 -4.68 -38.71 -21.38
N ASP A 160 -4.83 -37.40 -21.53
CA ASP A 160 -5.99 -36.93 -22.36
C ASP A 160 -5.58 -37.06 -23.83
N PHE A 161 -5.32 -35.94 -24.43
CA PHE A 161 -4.86 -35.89 -25.85
C PHE A 161 -4.11 -34.55 -25.77
N SER A 162 -4.36 -33.89 -24.65
CA SER A 162 -3.80 -32.57 -24.34
C SER A 162 -2.37 -32.71 -23.84
N TRP A 163 -1.94 -33.95 -23.71
CA TRP A 163 -0.56 -34.06 -23.15
C TRP A 163 0.30 -34.27 -24.36
N GLN A 164 -0.22 -33.87 -25.50
CA GLN A 164 0.60 -34.05 -26.72
C GLN A 164 1.32 -32.72 -26.89
N SER A 165 0.75 -31.64 -26.40
CA SER A 165 1.23 -30.26 -26.43
C SER A 165 1.75 -29.78 -27.78
N GLY A 166 1.00 -30.20 -28.76
CA GLY A 166 1.30 -29.95 -30.17
C GLY A 166 1.53 -28.45 -30.36
N THR A 167 0.96 -27.74 -29.41
CA THR A 167 1.11 -26.25 -29.48
C THR A 167 1.05 -25.59 -28.11
N ASN A 168 1.51 -26.23 -27.07
CA ASN A 168 1.49 -25.83 -25.68
C ASN A 168 2.86 -26.09 -25.08
N MET A 169 3.00 -25.55 -23.88
CA MET A 169 4.33 -25.80 -23.30
C MET A 169 4.28 -26.79 -22.17
N SER A 170 5.18 -27.74 -22.33
CA SER A 170 5.37 -28.87 -21.40
C SER A 170 6.87 -29.01 -21.19
N ILE A 171 7.25 -28.88 -19.95
CA ILE A 171 8.67 -29.02 -19.53
C ILE A 171 8.74 -30.42 -18.91
N PHE A 172 9.85 -31.08 -19.17
CA PHE A 172 10.03 -32.49 -18.74
C PHE A 172 11.17 -32.64 -17.77
N TRP A 173 11.04 -33.33 -16.66
CA TRP A 173 12.20 -33.44 -15.73
C TRP A 173 12.26 -34.90 -15.30
N GLN A 174 13.47 -35.42 -15.40
CA GLN A 174 13.71 -36.83 -15.05
C GLN A 174 14.68 -36.86 -13.89
N HIS A 175 14.30 -37.60 -12.89
CA HIS A 175 15.12 -37.79 -11.67
C HIS A 175 16.63 -37.78 -11.95
N GLY A 176 17.29 -36.80 -11.30
CA GLY A 176 18.79 -36.64 -11.49
C GLY A 176 18.95 -35.24 -12.11
N GLN A 177 18.71 -35.15 -13.43
CA GLN A 177 18.75 -33.87 -14.15
C GLN A 177 18.03 -32.86 -13.21
N PRO A 178 18.74 -31.73 -13.14
CA PRO A 178 18.40 -30.58 -12.33
C PRO A 178 17.01 -29.97 -12.52
N PHE A 179 16.85 -29.09 -11.55
CA PHE A 179 15.60 -28.35 -11.43
C PHE A 179 15.21 -27.66 -12.73
N PRO A 180 13.98 -27.81 -13.11
CA PRO A 180 13.51 -27.14 -14.34
C PRO A 180 13.25 -25.70 -13.98
N ARG A 181 13.57 -24.80 -14.87
CA ARG A 181 13.42 -23.35 -14.75
C ARG A 181 13.13 -22.76 -16.13
N PHE A 182 12.21 -21.82 -16.17
CA PHE A 182 11.86 -21.20 -17.45
C PHE A 182 11.24 -19.85 -17.16
N SER A 183 11.47 -18.90 -18.02
CA SER A 183 10.96 -17.54 -17.96
C SER A 183 9.70 -17.42 -18.86
N ILE A 184 8.89 -16.46 -18.49
CA ILE A 184 7.67 -16.12 -19.14
C ILE A 184 7.43 -14.61 -19.22
N PRO A 185 7.06 -14.20 -20.42
CA PRO A 185 6.76 -12.80 -20.72
C PRO A 185 5.61 -12.28 -19.87
N PHE A 186 5.42 -10.99 -19.81
CA PHE A 186 4.32 -10.45 -19.01
C PHE A 186 3.10 -10.86 -19.81
N LEU A 187 2.27 -11.58 -19.08
CA LEU A 187 1.08 -12.10 -19.74
C LEU A 187 -0.14 -11.28 -19.48
N SER A 188 -0.47 -10.10 -19.91
CA SER A 188 -1.81 -9.61 -19.44
C SER A 188 -2.40 -8.87 -20.61
N ILE A 189 -3.69 -8.84 -20.81
CA ILE A 189 -4.26 -8.09 -21.94
C ILE A 189 -4.18 -6.58 -21.71
N ALA A 190 -3.95 -6.22 -20.49
CA ALA A 190 -3.82 -4.95 -19.80
C ALA A 190 -2.39 -4.45 -19.72
N SER A 191 -2.08 -3.19 -19.66
CA SER A 191 -0.67 -2.78 -19.58
C SER A 191 0.15 -3.20 -18.37
N ALA A 192 -0.57 -3.57 -17.34
CA ALA A 192 -0.05 -4.02 -16.04
C ALA A 192 -0.91 -5.08 -15.36
N TYR A 193 -0.39 -5.84 -14.43
CA TYR A 193 -1.06 -6.88 -13.64
C TYR A 193 -1.71 -6.05 -12.49
N TYR A 194 -2.99 -6.32 -12.39
CA TYR A 194 -3.90 -5.72 -11.41
C TYR A 194 -3.73 -6.48 -10.08
N MET A 195 -3.02 -5.80 -9.21
CA MET A 195 -2.70 -6.34 -7.87
C MET A 195 -4.01 -6.22 -7.08
N PHE A 196 -4.88 -5.33 -7.49
CA PHE A 196 -6.21 -5.09 -6.89
C PHE A 196 -7.27 -4.71 -7.94
N TYR A 197 -8.50 -4.51 -7.52
CA TYR A 197 -9.53 -4.15 -8.54
C TYR A 197 -10.79 -3.69 -7.84
N ASP A 198 -11.58 -2.79 -8.32
CA ASP A 198 -12.81 -2.31 -7.66
C ASP A 198 -13.89 -2.37 -8.74
N GLY A 199 -13.82 -3.53 -9.39
CA GLY A 199 -14.71 -3.84 -10.49
C GLY A 199 -15.34 -5.20 -10.23
N TYR A 200 -16.30 -5.42 -11.10
CA TYR A 200 -17.12 -6.63 -11.09
C TYR A 200 -17.28 -7.25 -12.49
N ASP A 201 -17.84 -8.46 -12.44
CA ASP A 201 -18.15 -9.21 -13.64
C ASP A 201 -19.23 -8.50 -14.47
N GLY A 202 -20.23 -7.97 -13.80
CA GLY A 202 -21.40 -7.25 -14.28
C GLY A 202 -22.34 -6.69 -13.23
N ASP A 203 -23.53 -6.23 -13.58
CA ASP A 203 -24.67 -5.65 -12.90
C ASP A 203 -25.53 -6.65 -12.10
N ASN A 204 -25.19 -7.91 -12.41
CA ASN A 204 -25.76 -9.09 -11.78
C ASN A 204 -25.26 -8.95 -10.29
N THR A 205 -26.38 -8.89 -9.56
CA THR A 205 -26.27 -8.72 -8.11
C THR A 205 -25.73 -10.01 -7.52
N SER A 206 -25.02 -10.65 -8.45
CA SER A 206 -24.46 -11.98 -8.09
C SER A 206 -23.16 -12.10 -8.89
N SER A 207 -22.73 -10.90 -9.32
CA SER A 207 -21.46 -10.91 -10.08
C SER A 207 -20.27 -10.88 -9.13
N LYS A 208 -19.15 -11.26 -9.71
CA LYS A 208 -17.85 -11.34 -9.04
C LYS A 208 -17.24 -9.93 -8.95
N TYR A 209 -16.50 -9.76 -7.86
CA TYR A 209 -15.84 -8.47 -7.60
C TYR A 209 -14.48 -8.62 -6.95
N GLY A 210 -13.39 -8.36 -7.64
CA GLY A 210 -12.06 -8.47 -7.08
C GLY A 210 -11.01 -8.59 -8.17
N SER A 211 -9.88 -9.03 -7.71
CA SER A 211 -8.66 -9.25 -8.46
C SER A 211 -8.92 -10.60 -9.10
N VAL A 212 -10.03 -10.75 -9.75
CA VAL A 212 -10.16 -12.14 -10.28
C VAL A 212 -10.92 -11.98 -11.57
N VAL A 213 -11.75 -10.95 -11.39
CA VAL A 213 -12.62 -10.53 -12.51
C VAL A 213 -11.67 -10.34 -13.73
N THR A 214 -10.56 -9.78 -13.32
CA THR A 214 -9.45 -9.44 -14.17
C THR A 214 -8.36 -10.45 -14.49
N ASN A 215 -7.69 -11.01 -13.49
CA ASN A 215 -6.64 -11.95 -13.86
C ASN A 215 -6.88 -13.43 -13.76
N ASP A 216 -7.17 -13.90 -14.97
CA ASP A 216 -7.40 -15.36 -15.14
C ASP A 216 -6.35 -15.70 -16.21
N MET A 217 -5.18 -16.13 -15.75
CA MET A 217 -4.07 -16.46 -16.62
C MET A 217 -3.90 -17.92 -17.03
N GLY A 218 -4.92 -18.76 -16.86
CA GLY A 218 -4.61 -20.16 -17.27
C GLY A 218 -4.20 -20.99 -16.06
N THR A 219 -3.72 -22.17 -16.38
CA THR A 219 -3.36 -23.19 -15.39
C THR A 219 -2.15 -24.00 -15.74
N ILE A 220 -1.64 -24.69 -14.73
CA ILE A 220 -0.48 -25.57 -14.91
C ILE A 220 -0.88 -26.95 -14.40
N CYS A 221 -0.78 -27.87 -15.34
CA CYS A 221 -1.09 -29.28 -15.15
C CYS A 221 0.13 -30.17 -15.09
N SER A 222 0.25 -30.85 -13.97
CA SER A 222 1.33 -31.82 -13.73
C SER A 222 0.91 -33.27 -14.01
N ARG A 223 1.84 -34.01 -14.59
CA ARG A 223 1.68 -35.44 -14.91
C ARG A 223 3.01 -36.11 -14.64
N ILE A 224 2.91 -37.39 -14.38
CA ILE A 224 4.06 -38.25 -14.11
C ILE A 224 3.96 -39.32 -15.19
N VAL A 225 4.55 -38.95 -16.30
CA VAL A 225 4.61 -39.71 -17.52
C VAL A 225 4.92 -41.20 -17.43
N THR A 226 5.94 -41.62 -16.75
CA THR A 226 6.42 -42.99 -16.61
C THR A 226 5.60 -44.26 -16.67
N GLU A 227 4.31 -44.16 -16.48
CA GLU A 227 3.36 -45.30 -16.51
C GLU A 227 3.31 -45.88 -15.10
N LYS A 228 2.84 -47.09 -14.98
CA LYS A 228 2.63 -47.80 -13.73
C LYS A 228 3.92 -48.32 -13.16
N GLN A 229 4.09 -48.06 -11.90
CA GLN A 229 5.33 -48.53 -11.26
C GLN A 229 4.86 -49.54 -10.24
N LYS A 230 5.83 -50.16 -9.61
CA LYS A 230 5.53 -51.18 -8.57
C LYS A 230 5.38 -50.58 -7.17
N LEU A 231 6.51 -50.06 -6.74
CA LEU A 231 6.65 -49.46 -5.39
C LEU A 231 6.15 -48.03 -5.57
N SER A 232 5.20 -47.63 -4.74
CA SER A 232 4.55 -46.33 -4.67
C SER A 232 5.53 -45.20 -4.35
N VAL A 233 4.93 -44.05 -4.50
CA VAL A 233 5.51 -42.72 -4.33
C VAL A 233 4.39 -41.66 -4.18
N VAL A 234 5.04 -40.58 -3.79
CA VAL A 234 4.31 -39.31 -3.62
C VAL A 234 5.32 -38.24 -4.06
N ILE A 235 4.79 -37.45 -4.99
CA ILE A 235 5.56 -36.33 -5.53
C ILE A 235 4.91 -35.00 -5.08
N THR A 236 5.90 -34.18 -4.78
CA THR A 236 5.71 -32.82 -4.27
C THR A 236 6.66 -31.95 -5.06
N THR A 237 6.00 -31.30 -6.03
CA THR A 237 6.76 -30.39 -6.92
C THR A 237 6.40 -28.97 -6.49
N HIS A 238 7.33 -28.32 -5.82
CA HIS A 238 7.26 -26.94 -5.33
C HIS A 238 7.42 -25.93 -6.47
N ILE A 239 6.59 -24.90 -6.43
CA ILE A 239 6.61 -23.84 -7.44
C ILE A 239 7.03 -22.47 -6.87
N TYR A 240 8.28 -22.12 -7.15
CA TYR A 240 8.87 -20.85 -6.77
C TYR A 240 8.69 -19.80 -7.89
N HIS A 241 8.67 -18.53 -7.55
CA HIS A 241 8.46 -17.45 -8.51
C HIS A 241 9.24 -16.20 -8.10
N LYS A 242 9.85 -15.68 -9.16
CA LYS A 242 10.69 -14.49 -9.20
C LYS A 242 10.27 -13.54 -10.35
N ALA A 243 10.30 -12.32 -9.83
CA ALA A 243 9.98 -11.10 -10.60
C ALA A 243 11.26 -10.36 -10.99
N LYS A 244 11.44 -10.44 -12.32
CA LYS A 244 12.55 -9.84 -13.04
C LYS A 244 12.01 -8.86 -14.08
N HIS A 245 12.55 -7.67 -14.02
CA HIS A 245 12.25 -6.55 -14.87
C HIS A 245 10.92 -5.94 -14.48
N THR A 246 10.80 -5.76 -13.20
CA THR A 246 9.58 -5.20 -12.58
C THR A 246 9.39 -3.68 -12.47
N LYS A 247 8.12 -3.24 -12.52
CA LYS A 247 7.70 -1.87 -12.32
C LYS A 247 6.50 -1.78 -11.35
N ALA A 248 6.45 -0.69 -10.60
CA ALA A 248 5.31 -0.62 -9.68
C ALA A 248 4.82 0.81 -9.60
N TRP A 249 3.53 0.95 -9.48
CA TRP A 249 2.67 2.10 -9.41
C TRP A 249 1.74 2.16 -8.20
N CYS A 250 1.65 3.33 -7.61
CA CYS A 250 0.84 3.67 -6.46
C CYS A 250 0.90 2.72 -5.26
N PRO A 251 1.87 2.94 -4.39
CA PRO A 251 2.07 2.21 -3.15
C PRO A 251 0.86 2.40 -2.19
N ARG A 252 0.76 1.30 -1.46
CA ARG A 252 -0.25 1.08 -0.46
C ARG A 252 0.32 0.65 0.89
N PRO A 253 -0.53 0.90 1.86
CA PRO A 253 -0.24 0.53 3.25
C PRO A 253 -0.13 -1.00 3.30
N PRO A 254 0.87 -1.57 3.96
CA PRO A 254 1.02 -3.03 4.06
C PRO A 254 -0.16 -3.68 4.72
N ARG A 255 -0.17 -5.00 4.72
CA ARG A 255 -1.29 -5.73 5.36
C ARG A 255 -1.06 -6.07 6.82
N ALA A 256 -1.98 -5.85 7.77
CA ALA A 256 -1.55 -6.28 9.14
C ALA A 256 -2.43 -7.41 9.69
N VAL A 257 -3.41 -7.76 8.88
CA VAL A 257 -4.34 -8.83 9.32
C VAL A 257 -4.10 -10.01 8.40
N PRO A 258 -3.89 -11.13 9.05
CA PRO A 258 -3.66 -12.42 8.38
C PRO A 258 -4.86 -12.66 7.47
N TYR A 259 -4.62 -12.80 6.18
CA TYR A 259 -5.76 -13.02 5.26
C TYR A 259 -6.29 -14.45 5.39
N THR A 260 -7.17 -14.77 4.46
CA THR A 260 -7.85 -16.07 4.33
C THR A 260 -8.41 -16.12 2.93
N HIS A 261 -8.08 -17.08 2.10
CA HIS A 261 -8.68 -16.98 0.75
C HIS A 261 -7.88 -15.90 0.03
N SER A 262 -7.98 -16.05 -1.26
CA SER A 262 -7.27 -15.20 -2.21
C SER A 262 -8.22 -14.48 -3.13
N HIS A 263 -7.71 -13.43 -3.72
CA HIS A 263 -8.47 -12.63 -4.69
C HIS A 263 -9.55 -11.77 -4.04
N VAL A 264 -9.31 -11.76 -2.73
CA VAL A 264 -10.16 -11.05 -1.77
C VAL A 264 -9.32 -10.44 -0.65
N THR A 265 -9.97 -9.47 -0.05
CA THR A 265 -9.35 -8.71 1.04
C THR A 265 -9.72 -9.20 2.45
N ASN A 266 -10.91 -9.76 2.50
CA ASN A 266 -11.60 -10.31 3.66
C ASN A 266 -10.63 -10.75 4.77
N TYR A 267 -10.95 -10.24 5.96
CA TYR A 267 -10.07 -10.63 7.07
C TYR A 267 -10.83 -11.43 8.12
N MET A 268 -11.95 -10.85 8.47
CA MET A 268 -12.93 -11.38 9.42
C MET A 268 -12.65 -12.86 9.63
N PRO A 269 -11.93 -13.11 10.71
CA PRO A 269 -11.54 -14.47 11.11
C PRO A 269 -12.75 -15.28 11.58
N GLU A 270 -12.59 -16.61 11.56
CA GLU A 270 -13.66 -17.55 12.00
C GLU A 270 -13.66 -17.45 13.54
N THR A 271 -14.65 -16.65 13.92
CA THR A 271 -14.76 -16.38 15.37
C THR A 271 -13.68 -15.51 16.05
N GLY A 272 -12.45 -16.07 16.04
CA GLY A 272 -11.38 -15.33 16.71
C GLY A 272 -11.47 -13.81 16.52
N ASP A 273 -11.25 -12.95 17.53
CA ASP A 273 -11.25 -11.48 17.27
C ASP A 273 -10.15 -11.10 16.23
N VAL A 274 -10.40 -10.05 15.40
CA VAL A 274 -9.38 -9.68 14.40
C VAL A 274 -8.15 -9.19 15.17
N THR A 275 -7.16 -9.98 14.78
CA THR A 275 -5.83 -9.77 15.37
C THR A 275 -4.87 -9.11 14.40
N THR A 276 -4.08 -8.24 14.99
CA THR A 276 -3.05 -7.41 14.37
C THR A 276 -1.79 -7.45 15.23
N ALA A 277 -0.72 -7.03 14.57
CA ALA A 277 0.61 -7.01 15.18
C ALA A 277 0.81 -6.01 16.32
N ILE A 278 -0.03 -4.98 16.39
CA ILE A 278 0.18 -4.04 17.48
C ILE A 278 0.16 -4.66 18.88
N VAL A 279 1.15 -4.17 19.64
CA VAL A 279 1.33 -4.63 21.06
C VAL A 279 0.71 -3.64 22.03
N ARG A 280 0.36 -4.05 23.23
CA ARG A 280 -0.27 -3.16 24.22
C ARG A 280 0.73 -2.69 25.29
N ARG A 281 0.47 -1.45 25.61
CA ARG A 281 1.34 -0.78 26.62
C ARG A 281 0.53 -0.55 27.88
N ASN A 282 1.26 -0.54 29.00
CA ASN A 282 0.59 -0.26 30.30
C ASN A 282 0.22 1.25 30.32
N THR A 283 1.27 1.98 29.97
CA THR A 283 1.27 3.43 29.94
C THR A 283 2.08 4.08 28.83
N ILE A 284 1.50 5.20 28.39
CA ILE A 284 2.28 5.92 27.37
C ILE A 284 3.54 6.48 28.00
N THR A 285 3.49 6.84 29.25
CA THR A 285 4.61 7.44 29.93
C THR A 285 5.87 6.64 29.92
N THR A 286 5.89 5.33 29.87
CA THR A 286 7.21 4.66 29.87
C THR A 286 7.24 3.66 28.72
N ALA A 287 8.32 3.68 27.96
CA ALA A 287 8.36 2.73 26.85
C ALA A 287 9.18 1.46 27.09
N ASP B 11 -0.18 32.58 0.34
CA ASP B 11 -1.50 32.99 0.82
C ASP B 11 -2.43 31.75 0.75
N ARG B 12 -3.33 31.71 1.75
CA ARG B 12 -4.27 30.59 1.72
C ARG B 12 -5.48 30.77 0.79
N ILE B 13 -6.12 31.92 0.67
CA ILE B 13 -7.29 31.98 -0.22
C ILE B 13 -7.20 31.22 -1.53
N MET B 14 -8.27 30.60 -1.98
CA MET B 14 -8.19 29.90 -3.28
C MET B 14 -9.45 30.08 -4.10
N GLN B 15 -9.28 30.06 -5.39
CA GLN B 15 -10.39 30.22 -6.32
C GLN B 15 -10.36 29.11 -7.34
N ILE B 16 -11.47 28.49 -7.63
CA ILE B 16 -11.35 27.41 -8.63
C ILE B 16 -12.50 27.56 -9.59
N THR B 17 -12.25 27.40 -10.85
CA THR B 17 -13.39 27.55 -11.80
C THR B 17 -13.28 26.35 -12.72
N ARG B 18 -14.43 25.66 -12.82
CA ARG B 18 -14.54 24.43 -13.57
C ARG B 18 -15.60 24.41 -14.65
N GLY B 19 -16.78 24.91 -14.34
CA GLY B 19 -17.73 24.88 -15.49
C GLY B 19 -18.07 26.36 -15.69
N ASP B 20 -19.35 26.46 -15.50
CA ASP B 20 -20.31 27.52 -15.43
C ASP B 20 -20.40 27.76 -13.88
N SER B 21 -19.61 26.96 -13.23
CA SER B 21 -19.34 26.87 -11.81
C SER B 21 -17.94 27.27 -11.35
N THR B 22 -17.91 27.91 -10.20
CA THR B 22 -16.73 28.38 -9.48
C THR B 22 -16.94 28.15 -7.99
N ILE B 23 -15.91 27.93 -7.23
CA ILE B 23 -15.90 27.70 -5.80
C ILE B 23 -14.85 28.61 -5.16
N SER B 24 -15.12 29.14 -3.97
CA SER B 24 -14.10 30.00 -3.33
C SER B 24 -13.92 29.43 -1.93
N SER B 25 -12.83 29.80 -1.34
CA SER B 25 -12.32 29.43 -0.02
C SER B 25 -11.33 30.43 0.60
N ASP B 26 -11.83 31.27 1.49
CA ASP B 26 -11.07 32.30 2.18
C ASP B 26 -9.98 31.79 3.13
N ASP B 27 -9.78 30.50 3.14
CA ASP B 27 -8.84 29.75 4.00
C ASP B 27 -8.56 28.36 3.44
N VAL B 28 -7.36 27.81 3.48
CA VAL B 28 -7.08 26.50 2.89
C VAL B 28 -5.67 26.00 3.29
N ALA B 29 -5.47 24.72 3.00
CA ALA B 29 -4.24 23.95 3.14
C ALA B 29 -3.98 23.49 1.67
N ASN B 30 -3.14 24.33 1.12
CA ASN B 30 -2.70 24.22 -0.27
C ASN B 30 -3.75 23.53 -1.12
N ALA B 31 -3.39 22.55 -1.89
CA ALA B 31 -4.17 21.73 -2.78
C ALA B 31 -3.16 20.62 -3.09
N VAL B 32 -3.74 19.55 -3.59
CA VAL B 32 -2.85 18.41 -3.87
C VAL B 32 -3.20 17.83 -5.20
N VAL B 33 -2.14 17.49 -5.89
CA VAL B 33 -2.27 16.84 -7.22
C VAL B 33 -1.80 15.41 -7.01
N GLY B 34 -2.72 14.53 -7.26
CA GLY B 34 -2.51 13.10 -7.07
C GLY B 34 -1.38 12.60 -7.94
N TYR B 35 -0.34 12.14 -7.29
CA TYR B 35 0.84 11.56 -7.91
C TYR B 35 1.65 12.47 -8.82
N GLY B 36 1.40 13.73 -8.48
CA GLY B 36 1.93 14.95 -9.06
C GLY B 36 1.58 15.02 -10.55
N VAL B 37 0.47 14.44 -10.94
CA VAL B 37 0.13 14.46 -12.34
C VAL B 37 -1.19 15.21 -12.52
N TRP B 38 -1.21 16.05 -13.52
CA TRP B 38 -2.44 16.79 -13.79
C TRP B 38 -3.20 16.00 -14.86
N PRO B 39 -4.46 15.87 -14.56
CA PRO B 39 -5.47 15.21 -15.37
C PRO B 39 -5.58 15.89 -16.73
N HIS B 40 -5.64 15.02 -17.70
CA HIS B 40 -5.75 15.39 -19.11
C HIS B 40 -6.32 14.24 -19.93
N TYR B 41 -6.50 14.54 -21.20
CA TYR B 41 -7.07 13.68 -22.22
C TYR B 41 -6.05 12.69 -22.76
N LEU B 42 -6.60 11.57 -23.10
CA LEU B 42 -5.95 10.42 -23.68
C LEU B 42 -5.36 10.72 -25.05
N THR B 43 -4.18 10.18 -25.14
CA THR B 43 -3.19 10.16 -26.20
C THR B 43 -3.25 8.93 -27.11
N PRO B 44 -3.18 9.16 -28.40
CA PRO B 44 -3.19 8.16 -29.46
C PRO B 44 -2.04 7.15 -29.38
N GLN B 45 -1.32 7.21 -28.28
CA GLN B 45 -0.21 6.28 -28.11
C GLN B 45 -0.68 5.17 -27.16
N ASP B 46 -1.13 5.64 -26.01
CA ASP B 46 -1.58 4.70 -24.98
C ASP B 46 -2.99 4.23 -25.33
N ALA B 47 -3.62 4.88 -26.26
CA ALA B 47 -4.99 4.45 -26.58
C ALA B 47 -5.05 3.02 -27.12
N THR B 48 -6.30 2.61 -27.28
CA THR B 48 -6.67 1.30 -27.81
C THR B 48 -7.93 1.14 -28.64
N ALA B 49 -8.97 1.85 -28.29
CA ALA B 49 -10.31 1.89 -28.88
C ALA B 49 -10.29 2.35 -30.31
N ILE B 50 -11.29 2.58 -31.12
CA ILE B 50 -10.90 3.05 -32.49
C ILE B 50 -11.73 4.22 -32.90
N ASN B 51 -12.79 4.39 -32.16
CA ASN B 51 -13.80 5.42 -32.40
C ASN B 51 -13.34 6.75 -31.79
N LYS B 52 -13.94 7.81 -32.27
CA LYS B 52 -13.70 9.18 -31.87
C LYS B 52 -14.48 9.40 -30.58
N PRO B 53 -13.82 9.57 -29.44
CA PRO B 53 -14.45 9.84 -28.16
C PRO B 53 -15.29 11.12 -28.12
N THR B 54 -16.40 11.12 -27.37
CA THR B 54 -17.19 12.35 -27.28
C THR B 54 -16.57 13.02 -26.05
N GLN B 55 -16.25 14.29 -26.22
CA GLN B 55 -15.71 15.01 -25.06
C GLN B 55 -16.52 16.26 -24.73
N PRO B 56 -17.51 16.07 -23.87
CA PRO B 56 -18.39 17.16 -23.37
C PRO B 56 -17.41 17.97 -22.50
N ASP B 57 -17.49 19.21 -22.90
CA ASP B 57 -16.52 20.12 -22.23
C ASP B 57 -17.30 21.03 -21.33
N THR B 58 -16.93 21.36 -20.13
CA THR B 58 -17.83 22.38 -19.50
C THR B 58 -19.21 21.90 -19.10
N SER B 59 -19.96 21.37 -20.08
CA SER B 59 -21.33 20.91 -19.84
C SER B 59 -21.29 19.65 -18.98
N SER B 60 -20.08 19.13 -19.01
CA SER B 60 -19.90 17.88 -18.29
C SER B 60 -18.92 17.94 -17.15
N ASN B 61 -17.76 18.38 -17.53
CA ASN B 61 -16.69 18.43 -16.47
C ASN B 61 -16.77 19.82 -15.85
N ARG B 62 -17.67 19.89 -14.90
CA ARG B 62 -18.08 20.99 -14.04
C ARG B 62 -18.23 20.58 -12.57
N PHE B 63 -18.42 21.57 -11.74
CA PHE B 63 -18.59 21.42 -10.29
C PHE B 63 -19.90 21.05 -9.63
N TYR B 64 -20.16 19.75 -9.63
CA TYR B 64 -21.28 19.05 -9.02
C TYR B 64 -21.04 18.91 -7.50
N THR B 65 -22.07 19.25 -6.79
CA THR B 65 -21.98 19.14 -5.31
C THR B 65 -22.97 18.05 -4.93
N LEU B 66 -22.60 17.17 -4.04
CA LEU B 66 -23.38 16.04 -3.55
C LEU B 66 -24.30 16.51 -2.41
N GLU B 67 -24.81 15.49 -1.76
CA GLU B 67 -25.67 15.50 -0.58
C GLU B 67 -24.79 15.84 0.66
N SER B 68 -25.26 16.63 1.62
CA SER B 68 -24.35 16.96 2.73
C SER B 68 -24.55 15.97 3.87
N LYS B 69 -23.56 16.06 4.76
CA LYS B 69 -23.57 15.19 5.93
C LYS B 69 -23.25 15.88 7.23
N HIS B 70 -23.63 15.31 8.36
CA HIS B 70 -23.43 15.77 9.71
C HIS B 70 -22.15 15.30 10.38
N TRP B 71 -21.48 16.24 11.06
CA TRP B 71 -20.25 15.69 11.73
C TRP B 71 -20.55 15.61 13.23
N ASN B 72 -20.71 14.35 13.64
CA ASN B 72 -21.00 13.83 14.96
C ASN B 72 -19.83 13.50 15.89
N GLY B 73 -20.22 13.45 17.17
CA GLY B 73 -19.15 13.09 18.18
C GLY B 73 -19.17 11.55 18.30
N SER B 74 -20.09 11.10 17.44
CA SER B 74 -20.39 9.67 17.30
C SER B 74 -20.18 9.30 15.84
N SER B 75 -19.76 10.31 15.07
CA SER B 75 -19.55 9.98 13.66
C SER B 75 -18.33 9.07 13.64
N LYS B 76 -18.32 8.20 12.65
CA LYS B 76 -17.24 7.21 12.49
C LYS B 76 -16.46 7.32 11.18
N GLY B 77 -17.17 7.84 10.19
CA GLY B 77 -16.55 8.01 8.87
C GLY B 77 -17.51 7.70 7.74
N TRP B 78 -17.30 8.31 6.60
CA TRP B 78 -18.13 8.10 5.40
C TRP B 78 -17.33 8.17 4.11
N TRP B 79 -17.60 7.32 3.13
CA TRP B 79 -16.97 7.23 1.82
C TRP B 79 -18.00 7.34 0.68
N TRP B 80 -17.52 7.77 -0.46
CA TRP B 80 -18.14 7.93 -1.75
C TRP B 80 -17.15 7.35 -2.79
N LYS B 81 -17.72 6.69 -3.75
CA LYS B 81 -16.92 6.10 -4.83
C LYS B 81 -17.30 6.95 -6.05
N LEU B 82 -16.28 7.62 -6.52
CA LEU B 82 -16.35 8.53 -7.64
C LEU B 82 -16.98 8.22 -8.98
N PRO B 83 -16.53 7.16 -9.65
CA PRO B 83 -17.17 6.94 -11.00
C PRO B 83 -18.68 6.87 -10.85
N ASP B 84 -19.11 6.48 -9.68
CA ASP B 84 -20.38 6.22 -9.10
C ASP B 84 -21.05 7.37 -8.40
N ALA B 85 -20.36 8.21 -7.69
CA ALA B 85 -21.02 9.30 -6.96
C ALA B 85 -21.81 10.14 -7.94
N LEU B 86 -21.39 10.26 -9.19
CA LEU B 86 -22.15 11.13 -10.15
C LEU B 86 -22.98 10.39 -11.18
N LYS B 87 -23.45 9.24 -10.80
CA LYS B 87 -24.28 8.40 -11.68
C LYS B 87 -25.58 9.15 -11.85
N ASP B 88 -25.69 10.43 -11.55
CA ASP B 88 -26.98 11.09 -11.68
C ASP B 88 -26.91 12.56 -12.05
N MET B 89 -25.70 12.97 -11.77
CA MET B 89 -25.20 14.34 -12.05
C MET B 89 -25.35 14.44 -13.58
N GLY B 90 -26.23 15.32 -14.02
CA GLY B 90 -26.60 15.63 -15.40
C GLY B 90 -25.45 15.76 -16.39
N ILE B 91 -25.69 15.13 -17.53
CA ILE B 91 -24.77 15.08 -18.65
C ILE B 91 -23.70 14.09 -18.22
N PHE B 92 -22.66 14.50 -17.59
CA PHE B 92 -21.66 13.47 -17.25
C PHE B 92 -22.33 12.11 -17.00
N GLY B 93 -23.19 12.14 -16.01
CA GLY B 93 -23.91 10.94 -15.56
C GLY B 93 -24.96 10.35 -16.46
N GLU B 94 -24.93 10.65 -17.72
CA GLU B 94 -25.86 10.19 -18.73
C GLU B 94 -25.02 9.55 -19.82
N ASN B 95 -23.94 10.21 -20.03
CA ASN B 95 -22.89 9.91 -21.00
C ASN B 95 -22.21 8.65 -20.47
N MET B 96 -22.58 8.40 -19.25
CA MET B 96 -21.92 7.31 -18.55
C MET B 96 -22.55 5.99 -18.89
N TYR B 97 -23.83 6.23 -19.00
CA TYR B 97 -24.84 5.21 -19.24
C TYR B 97 -25.11 4.89 -20.67
N TYR B 98 -24.70 5.78 -21.52
CA TYR B 98 -24.88 5.68 -22.97
C TYR B 98 -23.68 5.09 -23.70
N HIS B 99 -22.59 5.11 -22.97
CA HIS B 99 -21.28 4.65 -23.43
C HIS B 99 -20.71 3.53 -22.60
N PHE B 100 -19.91 2.76 -23.28
CA PHE B 100 -19.22 1.62 -22.64
C PHE B 100 -17.96 2.17 -21.96
N LEU B 101 -17.11 2.73 -22.79
CA LEU B 101 -15.87 3.33 -22.28
C LEU B 101 -16.13 4.79 -21.87
N GLY B 102 -15.58 5.02 -20.69
CA GLY B 102 -15.60 6.31 -20.01
C GLY B 102 -14.21 6.41 -19.34
N ARG B 103 -13.73 7.62 -19.35
CA ARG B 103 -12.46 7.97 -18.72
C ARG B 103 -12.63 9.45 -18.29
N SER B 104 -12.08 9.74 -17.13
CA SER B 104 -12.12 11.06 -16.53
C SER B 104 -11.37 11.18 -15.21
N GLY B 105 -10.89 12.37 -14.98
CA GLY B 105 -10.20 12.75 -13.75
C GLY B 105 -11.12 13.74 -13.00
N TYR B 106 -10.83 13.95 -11.74
CA TYR B 106 -11.56 14.82 -10.85
C TYR B 106 -10.77 15.78 -9.98
N THR B 107 -11.45 16.67 -9.31
CA THR B 107 -11.22 17.72 -8.37
C THR B 107 -12.20 17.53 -7.21
N VAL B 108 -11.69 17.40 -6.02
CA VAL B 108 -12.55 17.18 -4.87
C VAL B 108 -12.50 18.35 -3.93
N HIS B 109 -13.58 19.11 -3.79
CA HIS B 109 -13.57 20.21 -2.84
C HIS B 109 -14.39 19.79 -1.62
N VAL B 110 -13.67 19.60 -0.53
CA VAL B 110 -14.30 19.20 0.74
C VAL B 110 -14.41 20.39 1.66
N GLN B 111 -15.60 20.88 1.86
CA GLN B 111 -15.93 22.03 2.72
C GLN B 111 -16.50 21.54 4.04
N CYS B 112 -16.12 22.14 5.17
CA CYS B 112 -16.56 21.76 6.51
C CYS B 112 -16.17 22.89 7.46
N ASN B 113 -17.02 23.87 7.65
CA ASN B 113 -16.58 24.95 8.56
C ASN B 113 -17.38 24.79 9.84
N ALA B 114 -16.96 25.55 10.80
CA ALA B 114 -17.50 25.63 12.16
C ALA B 114 -16.74 26.87 12.61
N SER B 115 -16.59 27.13 13.86
CA SER B 115 -15.85 28.28 14.38
C SER B 115 -14.44 27.99 14.89
N LYS B 116 -13.79 29.09 15.25
CA LYS B 116 -12.46 29.01 15.87
C LYS B 116 -12.62 28.58 17.35
N PHE B 117 -13.80 28.16 17.71
CA PHE B 117 -13.98 27.76 19.13
C PHE B 117 -14.31 26.27 19.19
N HIS B 118 -14.27 25.68 18.03
CA HIS B 118 -14.48 24.28 17.72
C HIS B 118 -13.10 23.60 17.62
N GLN B 119 -13.12 22.30 17.75
CA GLN B 119 -11.88 21.48 17.69
C GLN B 119 -12.35 20.24 16.97
N GLY B 120 -11.66 19.81 15.98
CA GLY B 120 -11.98 18.63 15.15
C GLY B 120 -10.88 18.48 14.09
N THR B 121 -10.81 17.30 13.56
CA THR B 121 -9.87 16.87 12.54
C THR B 121 -10.39 15.80 11.60
N LEU B 122 -10.43 16.14 10.32
CA LEU B 122 -10.87 15.16 9.31
C LEU B 122 -9.73 14.77 8.38
N LEU B 123 -9.60 13.48 8.16
CA LEU B 123 -8.56 12.99 7.24
C LEU B 123 -9.30 12.69 5.94
N VAL B 124 -8.87 13.29 4.87
CA VAL B 124 -9.48 13.08 3.55
C VAL B 124 -8.47 12.37 2.69
N ALA B 125 -8.85 11.40 1.92
CA ALA B 125 -7.95 10.64 1.07
C ALA B 125 -8.62 10.01 -0.13
N MET B 126 -7.93 9.88 -1.21
CA MET B 126 -8.50 9.26 -2.41
C MET B 126 -7.78 7.94 -2.52
N ILE B 127 -8.29 6.94 -3.15
CA ILE B 127 -7.55 5.71 -3.20
C ILE B 127 -7.74 4.95 -4.49
N PRO B 128 -6.68 4.67 -5.18
CA PRO B 128 -6.83 3.88 -6.43
C PRO B 128 -7.29 2.50 -6.01
N GLU B 129 -8.06 1.79 -6.79
CA GLU B 129 -8.63 0.46 -6.56
C GLU B 129 -8.77 0.10 -5.09
N HIS B 130 -9.89 0.51 -4.48
CA HIS B 130 -10.20 0.32 -3.08
C HIS B 130 -11.08 -0.89 -2.83
N GLN B 131 -10.50 -2.03 -3.13
CA GLN B 131 -11.23 -3.31 -2.95
C GLN B 131 -11.55 -3.46 -1.45
N LEU B 132 -12.81 -3.23 -1.09
CA LEU B 132 -13.27 -3.35 0.29
C LEU B 132 -13.42 -4.85 0.61
N ALA B 133 -13.47 -5.06 1.92
CA ALA B 133 -13.59 -6.39 2.50
C ALA B 133 -14.99 -6.56 3.10
N SER B 134 -15.42 -7.83 3.06
CA SER B 134 -16.74 -8.09 3.67
C SER B 134 -16.47 -8.35 5.18
N ALA B 135 -17.51 -7.82 5.80
CA ALA B 135 -17.74 -7.81 7.24
C ALA B 135 -17.89 -9.19 7.88
N LYS B 136 -18.21 -10.09 6.98
CA LYS B 136 -18.44 -11.51 7.27
C LYS B 136 -17.28 -12.36 6.79
N HIS B 137 -16.90 -13.29 7.64
CA HIS B 137 -15.78 -14.15 7.19
C HIS B 137 -16.19 -14.99 5.98
N GLY B 138 -15.26 -15.33 5.09
CA GLY B 138 -15.56 -16.18 3.93
C GLY B 138 -14.91 -15.63 2.69
N SER B 139 -15.45 -16.05 1.57
CA SER B 139 -14.96 -15.70 0.23
C SER B 139 -16.01 -14.90 -0.52
N VAL B 140 -16.96 -14.44 0.26
CA VAL B 140 -18.09 -13.67 -0.35
C VAL B 140 -17.67 -12.19 -0.35
N THR B 141 -17.67 -11.70 -1.55
CA THR B 141 -17.21 -10.33 -1.77
C THR B 141 -18.33 -9.35 -1.57
N ALA B 142 -17.95 -8.12 -1.27
CA ALA B 142 -19.05 -7.13 -1.10
C ALA B 142 -19.92 -7.19 -2.34
N GLY B 143 -21.18 -6.86 -2.21
CA GLY B 143 -22.21 -6.79 -3.27
C GLY B 143 -22.05 -5.53 -4.15
N TYR B 144 -22.68 -5.55 -5.31
CA TYR B 144 -22.56 -4.42 -6.27
C TYR B 144 -23.22 -3.25 -5.57
N LYS B 145 -24.52 -3.33 -5.61
CA LYS B 145 -25.54 -2.47 -5.11
C LYS B 145 -25.18 -1.78 -3.79
N LEU B 146 -24.11 -2.26 -3.13
CA LEU B 146 -23.74 -1.62 -1.86
C LEU B 146 -22.40 -0.90 -2.03
N THR B 147 -21.74 -1.05 -3.14
CA THR B 147 -20.48 -0.31 -3.31
C THR B 147 -20.80 0.75 -4.38
N HIS B 148 -22.12 0.85 -4.56
CA HIS B 148 -22.65 1.76 -5.55
C HIS B 148 -23.73 2.68 -5.01
N PRO B 149 -23.42 3.19 -3.83
CA PRO B 149 -24.29 4.15 -3.14
C PRO B 149 -24.63 5.38 -3.98
N GLY B 150 -23.78 6.31 -4.41
CA GLY B 150 -24.32 7.43 -5.25
C GLY B 150 -23.96 8.68 -4.47
N GLU B 151 -24.59 9.78 -4.78
CA GLU B 151 -24.27 11.04 -4.09
C GLU B 151 -24.19 10.84 -2.59
N ALA B 152 -25.21 10.17 -2.12
CA ALA B 152 -25.38 9.81 -0.73
C ALA B 152 -24.21 9.19 0.01
N GLY B 153 -23.30 8.51 -0.64
CA GLY B 153 -22.17 7.89 0.02
C GLY B 153 -22.57 6.72 0.91
N ARG B 154 -21.68 6.21 1.75
CA ARG B 154 -21.89 5.09 2.66
C ARG B 154 -21.22 5.38 3.98
N ASP B 155 -21.55 4.66 5.00
CA ASP B 155 -21.33 4.39 6.39
C ASP B 155 -22.14 5.33 7.29
N VAL B 156 -21.45 6.35 7.72
CA VAL B 156 -22.02 7.39 8.61
C VAL B 156 -21.71 6.96 10.07
N SER B 157 -22.16 5.75 10.23
CA SER B 157 -22.23 4.80 11.29
C SER B 157 -23.69 4.31 11.22
N GLN B 158 -23.77 3.44 10.20
CA GLN B 158 -25.13 2.95 10.01
C GLN B 158 -25.22 1.45 10.18
N GLU B 159 -26.48 1.14 10.32
CA GLU B 159 -27.13 -0.14 10.49
C GLU B 159 -27.70 -0.69 9.18
N ARG B 160 -27.53 -2.04 9.14
CA ARG B 160 -28.03 -2.73 7.92
C ARG B 160 -28.12 -4.23 7.89
N ASP B 161 -28.80 -4.84 6.90
CA ASP B 161 -28.98 -6.31 6.75
C ASP B 161 -27.62 -7.01 6.63
N ALA B 162 -27.61 -8.06 7.41
CA ALA B 162 -26.28 -8.79 7.37
C ALA B 162 -26.39 -9.92 6.35
N SER B 163 -27.58 -9.88 5.72
CA SER B 163 -27.87 -10.86 4.66
C SER B 163 -27.16 -10.45 3.32
N LEU B 164 -26.95 -9.11 3.35
CA LEU B 164 -26.30 -8.50 2.19
C LEU B 164 -24.79 -8.73 2.38
N ARG B 165 -24.28 -9.07 1.19
CA ARG B 165 -22.83 -9.32 1.00
C ARG B 165 -22.29 -7.86 1.08
N GLN B 166 -22.33 -7.40 2.29
CA GLN B 166 -22.03 -6.15 2.92
C GLN B 166 -20.59 -5.99 3.29
N PRO B 167 -20.06 -4.83 2.95
CA PRO B 167 -18.66 -4.53 3.24
C PRO B 167 -18.53 -4.25 4.73
N SER B 168 -17.31 -3.95 5.03
CA SER B 168 -16.78 -3.59 6.35
C SER B 168 -16.93 -2.06 6.50
N ASP B 169 -17.76 -1.76 7.47
CA ASP B 169 -18.22 -0.51 8.06
C ASP B 169 -17.09 -0.11 9.06
N ASP B 170 -16.16 -1.08 9.11
CA ASP B 170 -14.90 -1.05 9.90
C ASP B 170 -13.90 0.01 9.37
N SER B 171 -13.60 1.01 10.17
CA SER B 171 -12.69 2.06 9.69
C SER B 171 -11.19 1.88 9.86
N TRP B 172 -10.68 1.71 11.05
CA TRP B 172 -9.31 1.55 11.50
C TRP B 172 -8.49 0.56 10.69
N LEU B 173 -9.21 -0.30 10.02
CA LEU B 173 -8.57 -1.34 9.20
C LEU B 173 -8.58 -0.85 7.76
N ASN B 174 -9.18 0.32 7.60
CA ASN B 174 -9.22 0.91 6.24
C ASN B 174 -10.28 0.21 5.42
N PHE B 175 -11.09 -0.63 5.98
CA PHE B 175 -12.15 -1.28 5.19
C PHE B 175 -11.58 -2.34 4.25
N ASP B 176 -10.28 -2.28 4.16
CA ASP B 176 -9.51 -3.17 3.31
C ASP B 176 -8.56 -3.87 4.25
N GLY B 177 -8.45 -3.49 5.50
CA GLY B 177 -7.51 -4.26 6.35
C GLY B 177 -6.03 -4.02 6.15
N THR B 178 -5.73 -2.76 6.40
CA THR B 178 -4.48 -2.04 6.34
C THR B 178 -4.57 -0.94 7.40
N LEU B 179 -3.84 -0.99 8.48
CA LEU B 179 -3.94 0.05 9.52
C LEU B 179 -4.06 1.47 8.96
N LEU B 180 -5.28 2.02 9.07
CA LEU B 180 -5.57 3.39 8.64
C LEU B 180 -4.41 4.20 9.24
N GLY B 181 -3.74 5.09 8.59
CA GLY B 181 -2.64 5.78 9.32
C GLY B 181 -1.43 5.55 8.46
N ASN B 182 -1.64 4.61 7.57
CA ASN B 182 -0.59 4.24 6.58
C ASN B 182 -1.30 4.65 5.26
N LEU B 183 -2.50 5.10 5.56
CA LEU B 183 -3.46 5.54 4.56
C LEU B 183 -2.88 6.81 4.01
N LEU B 184 -1.99 7.39 4.76
CA LEU B 184 -1.34 8.65 4.37
C LEU B 184 -0.52 8.53 3.12
N ILE B 185 -0.41 7.32 2.64
CA ILE B 185 0.31 6.93 1.43
C ILE B 185 -0.54 7.29 0.23
N PHE B 186 -1.84 7.27 0.41
CA PHE B 186 -2.77 7.63 -0.67
C PHE B 186 -2.77 9.15 -0.62
N PRO B 187 -3.15 9.72 -1.75
CA PRO B 187 -3.18 11.22 -1.88
C PRO B 187 -4.14 11.68 -0.81
N HIS B 188 -3.75 12.64 0.01
CA HIS B 188 -4.57 13.15 1.11
C HIS B 188 -4.25 14.51 1.68
N GLN B 189 -4.96 14.83 2.73
CA GLN B 189 -4.88 16.05 3.53
C GLN B 189 -5.97 15.93 4.60
N PHE B 190 -5.88 16.80 5.57
CA PHE B 190 -6.80 16.85 6.69
C PHE B 190 -7.52 18.20 6.62
N ILE B 191 -8.44 18.27 7.58
CA ILE B 191 -9.27 19.44 7.81
C ILE B 191 -9.26 19.72 9.33
N ASN B 192 -8.18 20.29 9.78
CA ASN B 192 -8.00 20.68 11.19
C ASN B 192 -8.70 22.03 11.36
N LEU B 193 -9.89 21.94 11.90
CA LEU B 193 -10.77 23.08 12.11
C LEU B 193 -10.12 24.32 12.69
N ARG B 194 -8.86 24.23 13.07
CA ARG B 194 -8.15 25.35 13.71
C ARG B 194 -7.29 26.13 12.74
N SER B 195 -7.18 25.57 11.55
CA SER B 195 -6.35 26.24 10.53
C SER B 195 -7.08 26.15 9.20
N ASN B 196 -7.45 24.95 8.87
CA ASN B 196 -8.18 24.56 7.67
C ASN B 196 -9.65 24.97 7.56
N ASN B 197 -10.22 24.73 6.38
CA ASN B 197 -11.63 25.05 6.12
C ASN B 197 -12.26 24.03 5.18
N SER B 198 -11.42 23.59 4.27
CA SER B 198 -11.57 22.65 3.21
C SER B 198 -10.35 21.75 3.04
N ALA B 199 -10.45 21.03 1.95
CA ALA B 199 -9.44 20.11 1.48
C ALA B 199 -9.74 20.02 -0.03
N THR B 200 -8.62 20.13 -0.70
CA THR B 200 -8.70 20.06 -2.18
C THR B 200 -7.77 19.04 -2.81
N LEU B 201 -8.36 18.03 -3.37
CA LEU B 201 -7.70 16.94 -4.06
C LEU B 201 -8.08 17.11 -5.53
N ILE B 202 -7.12 16.92 -6.40
CA ILE B 202 -7.15 16.97 -7.85
C ILE B 202 -6.54 15.62 -8.23
N VAL B 203 -7.11 14.93 -9.18
CA VAL B 203 -6.52 13.61 -9.44
C VAL B 203 -6.68 13.11 -10.86
N PRO B 204 -5.58 12.71 -11.51
CA PRO B 204 -5.61 12.19 -12.87
C PRO B 204 -6.28 10.83 -12.92
N TYR B 205 -6.28 10.20 -14.07
CA TYR B 205 -6.89 8.89 -14.34
C TYR B 205 -5.92 7.73 -14.14
N VAL B 206 -6.05 6.97 -13.08
CA VAL B 206 -5.09 5.85 -12.89
C VAL B 206 -5.80 4.53 -13.07
N ASN B 207 -5.26 3.69 -13.95
CA ASN B 207 -5.78 2.35 -14.28
C ASN B 207 -5.03 1.55 -15.32
N ALA B 208 -4.64 0.30 -15.22
CA ALA B 208 -3.94 -0.40 -16.30
C ALA B 208 -4.56 -0.36 -17.69
N VAL B 209 -5.65 0.32 -17.89
CA VAL B 209 -6.34 0.44 -19.17
C VAL B 209 -6.77 1.90 -19.44
N PRO B 210 -6.55 2.25 -20.70
CA PRO B 210 -6.79 3.56 -21.28
C PRO B 210 -8.15 4.17 -21.05
N MET B 211 -9.15 3.34 -20.92
CA MET B 211 -10.55 3.76 -20.68
C MET B 211 -11.26 2.51 -20.14
N ASP B 212 -11.84 2.63 -18.97
CA ASP B 212 -12.54 1.47 -18.38
C ASP B 212 -14.03 1.77 -18.49
N SER B 213 -14.78 0.85 -17.94
CA SER B 213 -16.24 0.75 -17.81
C SER B 213 -16.63 1.66 -16.66
N MET B 214 -17.39 2.68 -17.00
CA MET B 214 -17.73 3.62 -15.90
C MET B 214 -18.70 2.98 -14.93
N LEU B 215 -19.25 1.84 -15.35
CA LEU B 215 -20.25 1.20 -14.51
C LEU B 215 -19.67 0.08 -13.66
N ARG B 216 -18.90 -0.80 -14.23
CA ARG B 216 -18.39 -1.91 -13.44
C ARG B 216 -17.24 -1.62 -12.51
N HIS B 217 -16.54 -0.63 -12.98
CA HIS B 217 -15.33 -0.23 -12.28
C HIS B 217 -15.26 1.20 -11.84
N ASN B 218 -15.03 1.37 -10.57
CA ASN B 218 -14.87 2.66 -9.89
C ASN B 218 -13.37 2.72 -9.66
N ASN B 219 -12.66 3.63 -10.30
CA ASN B 219 -11.17 3.75 -10.21
C ASN B 219 -10.75 4.43 -8.90
N TRP B 220 -11.40 5.58 -8.67
CA TRP B 220 -11.20 6.37 -7.47
C TRP B 220 -12.45 6.17 -6.57
N CYS B 221 -11.96 6.08 -5.36
CA CYS B 221 -12.58 5.91 -4.05
C CYS B 221 -12.00 6.96 -3.10
N LEU B 222 -12.91 7.69 -2.48
CA LEU B 222 -12.64 8.77 -1.54
C LEU B 222 -13.19 8.49 -0.16
N VAL B 223 -12.34 8.78 0.79
CA VAL B 223 -12.66 8.54 2.20
C VAL B 223 -12.47 9.76 3.06
N ILE B 224 -13.35 10.02 3.99
CA ILE B 224 -13.15 11.15 4.90
C ILE B 224 -13.35 10.54 6.28
N ILE B 225 -12.39 10.66 7.17
CA ILE B 225 -12.47 10.06 8.49
C ILE B 225 -12.11 10.97 9.66
N PRO B 226 -13.09 11.09 10.54
CA PRO B 226 -12.91 11.93 11.73
C PRO B 226 -11.80 11.26 12.49
N ILE B 227 -10.77 12.03 12.78
CA ILE B 227 -9.64 11.51 13.52
C ILE B 227 -9.83 12.07 14.94
N SER B 228 -9.73 13.38 15.04
CA SER B 228 -9.97 13.88 16.40
C SER B 228 -11.40 14.39 16.33
N PRO B 229 -12.22 13.77 17.17
CA PRO B 229 -13.64 14.05 17.37
C PRO B 229 -13.98 15.53 17.61
N LEU B 230 -15.07 15.88 16.92
CA LEU B 230 -15.57 17.27 16.98
C LEU B 230 -15.83 17.68 18.42
N ARG B 231 -15.34 18.81 18.90
CA ARG B 231 -15.60 19.21 20.29
C ARG B 231 -15.82 20.69 20.44
N SER B 232 -17.06 21.09 20.69
CA SER B 232 -17.47 22.49 20.91
C SER B 232 -17.97 22.48 22.37
N GLU B 233 -18.54 23.60 22.69
CA GLU B 233 -19.08 23.81 24.04
C GLU B 233 -20.37 24.58 23.86
N THR B 234 -20.82 24.52 22.62
CA THR B 234 -22.05 25.16 22.14
C THR B 234 -23.22 24.18 22.22
N THR B 235 -24.32 24.87 21.91
CA THR B 235 -25.68 24.32 21.74
C THR B 235 -25.60 23.30 20.58
N SER B 236 -26.03 22.08 20.88
CA SER B 236 -26.02 21.02 19.83
C SER B 236 -27.11 21.21 18.76
N SER B 237 -27.49 22.47 18.69
CA SER B 237 -28.43 23.17 17.79
C SER B 237 -27.47 23.61 16.63
N ASN B 238 -26.20 23.71 17.05
CA ASN B 238 -25.11 24.04 16.12
C ASN B 238 -24.68 22.68 15.53
N ILE B 239 -25.06 22.64 14.26
CA ILE B 239 -24.76 21.45 13.43
C ILE B 239 -23.62 21.86 12.49
N VAL B 240 -22.64 20.97 12.38
CA VAL B 240 -21.50 21.30 11.50
C VAL B 240 -21.46 20.20 10.45
N PRO B 241 -22.11 20.56 9.34
CA PRO B 241 -22.13 19.68 8.17
C PRO B 241 -20.68 19.56 7.64
N ILE B 242 -20.50 18.77 6.64
CA ILE B 242 -19.51 18.30 5.75
C ILE B 242 -20.21 18.10 4.39
N THR B 243 -19.72 18.90 3.47
CA THR B 243 -20.19 18.98 2.08
C THR B 243 -19.05 18.68 1.11
N VAL B 244 -19.33 17.78 0.18
CA VAL B 244 -18.41 17.40 -0.87
C VAL B 244 -18.85 17.92 -2.25
N SER B 245 -17.91 18.46 -3.01
CA SER B 245 -18.23 18.96 -4.36
C SER B 245 -17.24 18.31 -5.32
N ILE B 246 -17.74 17.86 -6.46
CA ILE B 246 -16.84 17.24 -7.42
C ILE B 246 -16.98 17.70 -8.87
N SER B 247 -15.85 17.63 -9.56
CA SER B 247 -15.73 18.03 -10.95
C SER B 247 -14.96 17.07 -11.85
N PRO B 248 -15.75 16.41 -12.70
CA PRO B 248 -15.09 15.51 -13.68
C PRO B 248 -14.23 16.61 -14.35
N MET B 249 -13.10 16.17 -14.84
CA MET B 249 -12.14 17.00 -15.58
C MET B 249 -11.69 16.14 -16.76
N CYS B 250 -11.52 16.75 -17.91
CA CYS B 250 -11.05 15.95 -19.07
C CYS B 250 -11.80 14.64 -19.32
N ALA B 251 -13.10 14.80 -19.04
CA ALA B 251 -13.97 13.62 -19.26
C ALA B 251 -13.84 13.34 -20.77
N GLU B 252 -13.93 12.08 -21.12
CA GLU B 252 -13.84 11.53 -22.47
C GLU B 252 -14.68 10.26 -22.41
N PHE B 253 -15.49 10.00 -23.37
CA PHE B 253 -16.38 8.86 -23.47
C PHE B 253 -16.31 8.28 -24.87
N SER B 254 -16.87 7.09 -25.01
CA SER B 254 -16.88 6.39 -26.31
C SER B 254 -17.47 4.98 -26.18
N GLY B 255 -17.96 4.48 -27.30
CA GLY B 255 -18.59 3.14 -27.29
C GLY B 255 -20.08 3.43 -26.92
N ALA B 256 -20.60 4.23 -27.83
CA ALA B 256 -21.96 4.76 -27.90
C ALA B 256 -22.93 3.64 -28.22
N ARG B 257 -24.18 3.79 -27.81
CA ARG B 257 -25.14 2.70 -28.08
C ARG B 257 -26.43 2.97 -27.34
N ALA B 258 -27.23 1.93 -27.21
CA ALA B 258 -28.51 2.03 -26.49
C ALA B 258 -28.38 2.89 -25.24
N LYS B 259 -28.39 2.36 -24.06
CA LYS B 259 -28.32 3.00 -22.74
C LYS B 259 -28.49 1.85 -21.73
N ASN B 260 -27.64 1.93 -20.70
CA ASN B 260 -27.69 0.91 -19.65
C ASN B 260 -28.99 1.24 -18.93
N ILE B 261 -28.98 0.83 -17.69
CA ILE B 261 -30.15 1.00 -16.79
C ILE B 261 -29.75 1.29 -15.33
N LYS B 262 -30.66 2.10 -14.79
CA LYS B 262 -30.45 2.53 -13.38
C LYS B 262 -30.68 1.34 -12.45
N GLN B 263 -30.02 1.48 -11.28
CA GLN B 263 -30.04 0.39 -10.28
C GLN B 263 -29.78 0.95 -8.88
N GLY C 1 35.22 -31.38 -27.08
CA GLY C 1 35.18 -29.92 -27.12
C GLY C 1 35.89 -29.25 -25.96
N LEU C 2 35.40 -28.07 -25.60
CA LEU C 2 36.02 -27.32 -24.52
C LEU C 2 36.15 -28.09 -23.22
N PRO C 3 37.37 -28.45 -22.93
CA PRO C 3 37.72 -29.18 -21.68
C PRO C 3 37.23 -28.20 -20.59
N VAL C 4 36.18 -28.64 -19.90
CA VAL C 4 35.57 -27.82 -18.86
C VAL C 4 35.58 -28.53 -17.54
N TYR C 5 35.50 -27.75 -16.51
CA TYR C 5 35.50 -28.26 -15.12
C TYR C 5 34.26 -27.64 -14.52
N ILE C 6 33.37 -28.43 -13.96
CA ILE C 6 32.08 -28.10 -13.33
C ILE C 6 32.41 -27.80 -11.88
N THR C 7 32.07 -26.58 -11.56
CA THR C 7 32.35 -26.05 -10.25
C THR C 7 31.30 -26.30 -9.20
N PRO C 8 31.84 -26.43 -8.00
CA PRO C 8 31.05 -26.60 -6.77
C PRO C 8 30.16 -25.36 -6.62
N GLY C 9 28.90 -25.57 -6.74
CA GLY C 9 27.73 -24.73 -6.63
C GLY C 9 26.74 -25.03 -7.74
N SER C 10 27.33 -25.73 -8.66
CA SER C 10 26.77 -26.18 -9.94
C SER C 10 25.57 -27.06 -9.70
N GLY C 11 24.51 -26.70 -10.41
CA GLY C 11 23.26 -27.47 -10.31
C GLY C 11 22.42 -27.02 -9.14
N GLN C 12 22.96 -26.20 -8.28
CA GLN C 12 22.14 -25.77 -7.13
C GLN C 12 21.05 -24.84 -7.62
N PHE C 13 20.29 -24.30 -6.71
CA PHE C 13 19.18 -23.37 -6.83
C PHE C 13 19.20 -22.43 -5.61
N MET C 14 19.15 -21.16 -5.93
CA MET C 14 19.16 -20.07 -4.98
C MET C 14 18.03 -19.13 -5.29
N THR C 15 17.33 -18.86 -4.21
CA THR C 15 16.13 -17.99 -4.30
C THR C 15 16.61 -16.57 -4.55
N THR C 16 17.95 -16.46 -4.66
CA THR C 16 18.55 -15.10 -4.82
C THR C 16 19.58 -15.00 -5.92
N ASP C 17 19.26 -15.53 -7.09
CA ASP C 17 20.31 -15.48 -8.14
C ASP C 17 19.86 -14.90 -9.46
N ASP C 18 20.89 -14.28 -10.04
CA ASP C 18 20.62 -13.64 -11.35
C ASP C 18 21.17 -14.54 -12.45
N MET C 19 20.26 -15.21 -13.12
CA MET C 19 20.46 -16.10 -14.26
C MET C 19 19.23 -16.07 -15.20
N GLN C 20 19.59 -16.32 -16.45
CA GLN C 20 18.62 -16.37 -17.58
C GLN C 20 17.96 -17.75 -17.72
N SER C 21 16.82 -17.81 -18.39
CA SER C 21 16.07 -19.10 -18.53
C SER C 21 15.32 -19.06 -19.84
N PRO C 22 15.32 -20.17 -20.56
CA PRO C 22 14.65 -20.23 -21.87
C PRO C 22 13.27 -19.67 -21.68
N CYS C 23 12.83 -18.74 -22.48
CA CYS C 23 11.45 -18.23 -22.29
C CYS C 23 10.44 -19.06 -23.08
N ALA C 24 9.54 -19.76 -22.39
CA ALA C 24 8.46 -20.57 -23.01
C ALA C 24 7.62 -19.58 -23.78
N LEU C 25 6.77 -19.78 -24.74
CA LEU C 25 6.07 -18.61 -25.32
C LEU C 25 6.98 -17.69 -26.15
N PRO C 26 7.78 -18.28 -27.01
CA PRO C 26 8.69 -17.55 -27.86
C PRO C 26 7.75 -16.77 -28.80
N TRP C 27 8.35 -15.69 -29.22
CA TRP C 27 7.74 -14.73 -30.12
C TRP C 27 6.56 -14.06 -29.45
N TYR C 28 6.63 -13.70 -28.19
CA TYR C 28 5.37 -13.07 -27.66
C TYR C 28 5.74 -11.62 -27.42
N HIS C 29 4.88 -10.77 -27.93
CA HIS C 29 5.00 -9.31 -27.87
C HIS C 29 3.92 -8.83 -26.90
N PRO C 30 4.35 -8.64 -25.67
CA PRO C 30 3.51 -8.16 -24.60
C PRO C 30 2.81 -6.82 -24.86
N THR C 31 1.63 -6.78 -24.23
CA THR C 31 0.78 -5.59 -24.27
C THR C 31 1.74 -4.41 -24.01
N LYS C 32 1.44 -3.38 -24.77
CA LYS C 32 2.31 -2.18 -24.66
C LYS C 32 2.17 -1.70 -23.23
N GLU C 33 3.06 -0.83 -22.84
CA GLU C 33 2.96 -0.34 -21.45
C GLU C 33 2.49 1.07 -21.42
N ILE C 34 1.21 1.31 -21.28
CA ILE C 34 0.73 2.69 -21.28
C ILE C 34 1.27 3.38 -20.03
N SER C 35 1.09 4.66 -20.17
CA SER C 35 1.49 5.69 -19.18
C SER C 35 0.60 5.58 -17.95
N ILE C 36 1.09 5.59 -16.72
CA ILE C 36 0.35 5.52 -15.48
C ILE C 36 0.99 6.43 -14.41
N PRO C 37 0.16 7.37 -13.98
CA PRO C 37 0.53 8.37 -13.00
C PRO C 37 0.78 7.72 -11.66
N GLY C 38 2.04 7.88 -11.33
CA GLY C 38 2.65 7.46 -10.07
C GLY C 38 3.11 6.04 -10.16
N GLU C 39 4.41 5.89 -10.26
CA GLU C 39 5.16 4.64 -10.33
C GLU C 39 6.31 4.88 -9.34
N VAL C 40 6.67 3.88 -8.58
CA VAL C 40 7.76 3.89 -7.61
C VAL C 40 8.94 3.24 -8.30
N LYS C 41 10.07 3.49 -7.70
CA LYS C 41 11.36 2.93 -8.15
C LYS C 41 12.28 2.56 -6.98
N ASN C 42 11.88 3.04 -5.82
CA ASN C 42 12.61 2.85 -4.59
C ASN C 42 11.79 2.97 -3.30
N LEU C 43 11.95 1.88 -2.55
CA LEU C 43 11.26 1.81 -1.28
C LEU C 43 11.38 3.15 -0.61
N ILE C 44 12.59 3.63 -0.67
CA ILE C 44 12.90 4.91 -0.01
C ILE C 44 11.74 5.89 -0.08
N GLU C 45 11.31 6.18 -1.27
CA GLU C 45 10.21 7.09 -1.51
C GLU C 45 9.10 6.93 -0.49
N MET C 46 8.63 5.73 -0.28
CA MET C 46 7.57 5.34 0.65
C MET C 46 7.88 5.57 2.11
N CYS C 47 9.17 5.54 2.31
CA CYS C 47 9.84 5.71 3.60
C CYS C 47 9.97 7.18 3.95
N GLN C 48 9.83 8.00 2.93
CA GLN C 48 9.95 9.45 3.22
C GLN C 48 8.60 10.13 3.43
N VAL C 49 7.55 9.36 3.32
CA VAL C 49 6.19 9.87 3.49
C VAL C 49 5.79 9.53 4.90
N ASP C 50 5.39 10.53 5.61
CA ASP C 50 4.95 10.34 6.99
C ASP C 50 3.53 9.76 7.01
N THR C 51 3.59 8.65 7.71
CA THR C 51 2.53 7.72 8.08
C THR C 51 2.30 8.06 9.57
N LEU C 52 1.10 7.89 10.08
CA LEU C 52 0.66 8.12 11.46
C LEU C 52 1.09 7.03 12.46
N ILE C 53 1.33 7.51 13.67
CA ILE C 53 1.78 6.65 14.74
C ILE C 53 0.82 6.31 15.87
N PRO C 54 0.63 4.99 16.00
CA PRO C 54 -0.21 4.41 17.08
C PRO C 54 0.56 4.75 18.35
N VAL C 55 0.11 5.43 19.36
CA VAL C 55 1.14 5.69 20.44
C VAL C 55 0.35 5.50 21.71
N ASN C 56 -0.93 5.81 21.48
CA ASN C 56 -1.88 5.62 22.58
C ASN C 56 -2.15 4.11 22.60
N ASN C 57 -1.08 3.40 22.53
CA ASN C 57 -0.64 2.04 22.54
C ASN C 57 -1.15 1.32 23.79
N VAL C 58 -2.29 1.84 24.25
CA VAL C 58 -2.98 1.46 25.48
C VAL C 58 -4.34 0.80 25.45
N GLY C 59 -4.32 -0.33 26.12
CA GLY C 59 -5.35 -1.32 26.37
C GLY C 59 -6.51 -1.36 25.40
N ASN C 60 -7.66 -0.91 25.84
CA ASN C 60 -8.91 -0.89 25.04
C ASN C 60 -8.85 -0.01 23.79
N ASN C 61 -8.03 1.01 23.93
CA ASN C 61 -7.79 2.00 22.87
C ASN C 61 -7.31 1.45 21.53
N VAL C 62 -6.32 0.61 21.70
CA VAL C 62 -5.57 -0.14 20.73
C VAL C 62 -6.42 -0.70 19.61
N GLY C 63 -7.44 -1.50 19.82
CA GLY C 63 -8.13 -1.95 18.57
C GLY C 63 -8.95 -0.91 17.83
N ASN C 64 -9.06 0.29 18.34
CA ASN C 64 -9.82 1.40 17.81
C ASN C 64 -9.00 2.41 17.03
N VAL C 65 -9.36 3.66 16.88
CA VAL C 65 -8.60 4.65 16.13
C VAL C 65 -7.82 5.49 17.12
N SER C 66 -8.48 5.95 18.12
CA SER C 66 -7.92 6.74 19.24
C SER C 66 -6.43 6.43 19.47
N MET C 67 -6.14 5.19 19.26
CA MET C 67 -4.88 4.48 19.30
C MET C 67 -3.80 5.29 18.58
N TYR C 68 -4.20 6.42 17.98
CA TYR C 68 -3.52 7.39 17.15
C TYR C 68 -3.39 8.83 17.60
N THR C 69 -4.30 9.17 18.50
CA THR C 69 -4.36 10.51 19.09
C THR C 69 -3.72 10.44 20.45
N VAL C 70 -3.31 11.55 21.00
CA VAL C 70 -2.62 11.70 22.27
C VAL C 70 -3.30 12.95 22.83
N GLN C 71 -4.15 12.78 23.83
CA GLN C 71 -4.76 14.06 24.29
C GLN C 71 -3.86 14.72 25.34
N LEU C 72 -3.74 15.99 24.99
CA LEU C 72 -3.00 16.96 25.80
C LEU C 72 -4.19 17.48 26.68
N GLY C 73 -3.88 17.25 27.94
CA GLY C 73 -4.69 17.48 29.09
C GLY C 73 -4.54 18.76 29.89
N ASN C 74 -5.03 18.53 31.11
CA ASN C 74 -5.12 19.52 32.21
C ASN C 74 -3.72 19.91 32.68
N GLN C 75 -3.28 19.04 33.57
CA GLN C 75 -2.01 19.09 34.28
C GLN C 75 -2.01 20.19 35.36
N THR C 76 -2.44 19.73 36.56
CA THR C 76 -2.54 20.50 37.85
C THR C 76 -1.08 20.95 38.25
N GLY C 77 -0.29 19.82 38.10
CA GLY C 77 1.15 20.03 38.34
C GLY C 77 1.61 20.87 37.11
N MET C 78 2.91 21.05 37.14
CA MET C 78 3.57 21.82 36.05
C MET C 78 4.84 21.03 35.73
N ALA C 79 5.31 21.34 34.53
CA ALA C 79 6.52 20.70 34.02
C ALA C 79 6.35 19.17 33.95
N GLN C 80 5.06 18.83 33.94
CA GLN C 80 4.80 17.38 33.86
C GLN C 80 5.09 16.78 32.48
N LYS C 81 5.17 15.47 32.41
CA LYS C 81 5.39 14.70 31.20
C LYS C 81 4.18 14.17 30.44
N VAL C 82 4.29 14.13 29.11
CA VAL C 82 3.25 13.62 28.20
C VAL C 82 3.48 12.13 27.91
N PHE C 83 4.22 11.82 26.88
CA PHE C 83 4.52 10.42 26.58
C PHE C 83 5.99 10.26 26.22
N SER C 84 6.20 9.01 25.86
CA SER C 84 7.49 8.49 25.41
C SER C 84 7.23 7.23 24.60
N ILE C 85 8.17 6.94 23.73
CA ILE C 85 8.28 5.79 22.85
C ILE C 85 9.79 5.65 22.66
N LYS C 86 10.17 4.49 22.19
CA LYS C 86 11.63 4.31 21.95
C LYS C 86 11.79 4.25 20.42
N VAL C 87 12.93 4.77 20.03
CA VAL C 87 13.34 4.95 18.64
C VAL C 87 13.59 3.77 17.76
N ASP C 88 13.85 2.67 18.37
CA ASP C 88 14.20 1.41 17.65
C ASP C 88 13.07 1.11 16.69
N ILE C 89 13.03 1.76 15.55
CA ILE C 89 12.05 1.65 14.50
C ILE C 89 11.36 0.33 14.22
N THR C 90 11.43 -0.72 14.96
CA THR C 90 10.81 -2.02 14.75
C THR C 90 10.15 -2.29 16.12
N SER C 91 9.76 -1.25 16.80
CA SER C 91 9.18 -1.44 18.14
C SER C 91 7.88 -0.71 18.41
N THR C 92 6.87 -1.58 18.39
CA THR C 92 5.44 -1.15 18.62
C THR C 92 5.74 -0.09 19.69
N PRO C 93 5.18 1.10 19.59
CA PRO C 93 4.20 1.56 18.62
C PRO C 93 4.78 1.74 17.24
N LEU C 94 6.03 2.17 17.06
CA LEU C 94 6.69 2.33 15.76
C LEU C 94 6.45 1.09 14.91
N ALA C 95 7.22 0.11 14.63
CA ALA C 95 6.80 -1.07 13.81
C ALA C 95 5.57 -0.86 12.99
N THR C 96 4.41 -1.44 12.98
CA THR C 96 3.27 -1.11 12.11
C THR C 96 3.29 0.07 11.13
N THR C 97 3.92 1.19 11.34
CA THR C 97 4.10 2.38 10.54
C THR C 97 4.69 2.01 9.16
N LEU C 98 4.26 2.71 8.11
CA LEU C 98 4.74 2.42 6.76
C LEU C 98 6.25 2.15 6.76
N ILE C 99 6.96 2.84 7.61
CA ILE C 99 8.39 2.70 7.74
C ILE C 99 8.76 1.37 8.40
N GLY C 100 8.26 1.25 9.60
CA GLY C 100 8.48 0.11 10.46
C GLY C 100 8.18 -1.21 9.76
N GLU C 101 6.96 -1.21 9.25
CA GLU C 101 6.37 -2.33 8.51
C GLU C 101 7.37 -2.87 7.46
N ILE C 102 8.12 -1.89 6.97
CA ILE C 102 9.13 -2.05 5.97
C ILE C 102 10.47 -2.54 6.46
N ALA C 103 11.02 -1.65 7.24
CA ALA C 103 12.35 -1.85 7.87
C ALA C 103 12.50 -3.32 8.27
N SER C 104 11.38 -3.90 8.68
CA SER C 104 11.17 -5.27 9.10
C SER C 104 11.29 -6.21 7.90
N TYR C 105 11.86 -5.74 6.84
CA TYR C 105 12.04 -6.51 5.61
C TYR C 105 13.54 -6.56 5.34
N TYR C 106 14.27 -5.82 6.14
CA TYR C 106 15.71 -5.71 6.08
C TYR C 106 16.32 -5.93 7.44
N THR C 107 17.54 -6.33 7.51
CA THR C 107 18.25 -6.63 8.74
C THR C 107 18.90 -5.42 9.34
N HIS C 108 19.30 -4.47 8.51
CA HIS C 108 19.95 -3.27 9.04
C HIS C 108 19.40 -1.94 8.53
N TRP C 109 19.38 -0.94 9.39
CA TRP C 109 18.91 0.42 9.17
C TRP C 109 19.92 1.49 9.54
N THR C 110 19.69 2.68 9.05
CA THR C 110 20.57 3.82 9.33
C THR C 110 20.08 5.16 8.78
N GLY C 111 20.66 6.15 9.43
CA GLY C 111 20.40 7.55 9.20
C GLY C 111 19.52 8.18 10.26
N SER C 112 19.18 9.43 9.92
CA SER C 112 18.34 10.27 10.79
C SER C 112 16.92 9.86 10.49
N LEU C 113 15.99 10.34 11.28
CA LEU C 113 14.58 10.18 11.28
C LEU C 113 13.87 11.43 11.80
N ARG C 114 12.71 11.53 11.23
CA ARG C 114 11.80 12.60 11.50
C ARG C 114 10.47 12.41 12.14
N PHE C 115 10.34 13.06 13.28
CA PHE C 115 9.03 12.94 13.96
C PHE C 115 8.32 14.27 13.83
N SER C 116 7.09 14.16 13.41
CA SER C 116 6.25 15.37 13.25
C SER C 116 5.01 15.27 14.14
N PHE C 117 4.62 16.37 14.74
CA PHE C 117 3.42 16.39 15.59
C PHE C 117 2.54 17.53 15.09
N MET C 118 1.26 17.39 15.20
CA MET C 118 0.18 18.29 14.80
C MET C 118 -0.86 18.48 15.90
N PHE C 119 -1.28 19.72 16.01
CA PHE C 119 -2.26 20.11 17.03
C PHE C 119 -3.69 20.08 16.52
N CYS C 120 -4.43 19.07 16.86
CA CYS C 120 -5.87 18.99 16.51
C CYS C 120 -6.67 19.72 17.60
N GLY C 121 -6.03 20.66 18.27
CA GLY C 121 -6.59 21.50 19.34
C GLY C 121 -7.66 22.39 18.69
N THR C 122 -7.70 23.63 19.17
CA THR C 122 -8.60 24.69 18.73
C THR C 122 -7.72 25.80 18.14
N ALA C 123 -8.41 26.85 17.81
CA ALA C 123 -7.70 28.01 17.24
C ALA C 123 -7.32 28.86 18.44
N ASN C 124 -8.27 29.32 19.21
CA ASN C 124 -8.11 30.17 20.39
C ASN C 124 -7.26 29.48 21.47
N THR C 125 -7.08 28.17 21.32
CA THR C 125 -6.25 27.43 22.26
C THR C 125 -4.76 27.69 22.14
N THR C 126 -3.97 27.47 23.16
CA THR C 126 -2.54 27.67 23.16
C THR C 126 -1.81 26.65 24.04
N LEU C 127 -0.58 26.40 23.66
CA LEU C 127 0.29 25.49 24.38
C LEU C 127 1.72 25.59 23.87
N LYS C 128 2.57 24.97 24.64
CA LYS C 128 3.98 24.82 24.43
C LYS C 128 4.55 23.54 25.06
N LEU C 129 4.79 22.55 24.23
CA LEU C 129 5.41 21.29 24.63
C LEU C 129 6.90 21.36 24.31
N LEU C 130 7.65 20.52 24.97
CA LEU C 130 9.09 20.28 24.83
C LEU C 130 9.23 18.79 24.46
N LEU C 131 9.79 18.50 23.30
CA LEU C 131 10.01 17.14 22.82
C LEU C 131 11.51 16.91 22.90
N ALA C 132 11.84 15.67 23.18
CA ALA C 132 13.25 15.35 23.28
C ALA C 132 13.63 13.94 22.87
N TYR C 133 14.83 13.97 22.32
CA TYR C 133 15.51 12.75 21.86
C TYR C 133 16.66 12.52 22.84
N THR C 134 16.55 11.44 23.55
CA THR C 134 17.52 10.94 24.53
C THR C 134 18.24 9.76 23.85
N PRO C 135 19.44 10.09 23.36
CA PRO C 135 20.29 9.10 22.71
C PRO C 135 20.51 7.90 23.65
N PRO C 136 20.98 6.89 22.92
CA PRO C 136 21.28 5.61 23.55
C PRO C 136 22.38 5.86 24.57
N GLY C 137 22.37 5.22 25.72
CA GLY C 137 23.42 5.39 26.72
C GLY C 137 22.81 5.15 28.08
N ILE C 138 21.71 5.81 28.35
CA ILE C 138 21.02 5.66 29.63
C ILE C 138 19.56 5.27 29.51
N ASP C 139 18.84 5.50 30.59
CA ASP C 139 17.43 5.20 30.76
C ASP C 139 16.52 6.35 30.34
N GLU C 140 15.36 5.92 29.83
CA GLU C 140 14.38 6.95 29.41
C GLU C 140 14.17 7.78 30.68
N PRO C 141 14.33 9.08 30.50
CA PRO C 141 14.24 10.05 31.58
C PRO C 141 12.86 10.15 32.21
N THR C 142 13.02 10.11 33.52
CA THR C 142 12.01 10.17 34.57
C THR C 142 11.54 11.60 34.72
N THR C 143 12.38 12.58 34.52
CA THR C 143 12.16 14.00 34.60
C THR C 143 12.50 14.83 33.37
N ARG C 144 11.92 16.02 33.20
CA ARG C 144 12.16 16.89 32.05
C ARG C 144 13.57 17.43 32.05
N LYS C 145 13.94 18.18 33.06
CA LYS C 145 15.30 18.70 33.19
C LYS C 145 16.16 17.55 32.66
N ASP C 146 16.31 16.44 33.36
CA ASP C 146 17.15 15.36 32.83
C ASP C 146 17.04 15.12 31.32
N ALA C 147 15.86 15.12 30.80
CA ALA C 147 15.77 14.88 29.35
C ALA C 147 16.18 16.09 28.53
N MET C 148 15.94 17.32 28.87
CA MET C 148 16.20 18.60 28.19
C MET C 148 17.68 18.83 27.93
N LEU C 149 18.43 18.14 28.77
CA LEU C 149 19.87 18.10 28.74
C LEU C 149 20.39 17.59 27.40
N GLY C 150 19.71 16.71 26.72
CA GLY C 150 20.19 16.20 25.42
C GLY C 150 19.37 16.93 24.34
N THR C 151 19.37 16.28 23.19
CA THR C 151 18.69 16.73 21.99
C THR C 151 17.20 16.99 22.14
N HIS C 152 16.77 18.17 21.79
CA HIS C 152 15.36 18.51 21.90
C HIS C 152 14.97 19.71 21.06
N VAL C 153 13.67 19.90 21.12
CA VAL C 153 12.99 20.99 20.41
C VAL C 153 11.81 21.52 21.19
N VAL C 154 11.78 22.78 21.54
CA VAL C 154 10.66 23.40 22.24
C VAL C 154 9.65 23.62 21.10
N TRP C 155 8.38 23.41 21.32
CA TRP C 155 7.39 23.55 20.24
C TRP C 155 6.38 24.59 20.63
N ASP C 156 6.26 25.65 19.91
CA ASP C 156 5.28 26.71 20.17
C ASP C 156 4.09 26.49 19.23
N VAL C 157 3.03 26.13 19.92
CA VAL C 157 1.75 25.89 19.24
C VAL C 157 1.24 27.28 18.86
N GLY C 158 0.89 27.31 17.58
CA GLY C 158 0.42 28.64 17.13
C GLY C 158 -0.20 28.43 15.75
N LEU C 159 -0.36 29.57 15.11
CA LEU C 159 -0.89 29.60 13.75
C LEU C 159 -0.32 28.52 12.83
N GLN C 160 0.83 27.99 13.22
CA GLN C 160 1.39 26.96 12.36
C GLN C 160 0.66 25.64 12.64
N SER C 161 1.15 24.95 13.68
CA SER C 161 0.41 23.70 13.93
C SER C 161 1.27 22.45 13.82
N THR C 162 2.31 22.54 13.03
CA THR C 162 3.08 21.25 12.97
C THR C 162 4.50 21.57 13.31
N ILE C 163 5.05 20.79 14.21
CA ILE C 163 6.44 20.95 14.62
C ILE C 163 6.95 19.55 14.22
N SER C 164 8.13 19.63 13.68
CA SER C 164 8.85 18.43 13.20
C SER C 164 10.15 18.40 13.99
N LEU C 165 10.36 17.27 14.64
CA LEU C 165 11.51 17.00 15.47
C LEU C 165 12.46 16.04 14.74
N VAL C 166 13.72 16.47 14.64
CA VAL C 166 14.63 15.51 13.95
C VAL C 166 15.36 14.68 15.00
N VAL C 167 15.65 13.45 14.65
CA VAL C 167 16.35 12.45 15.41
C VAL C 167 17.67 12.19 14.62
N PRO C 168 18.67 12.95 15.01
CA PRO C 168 20.01 12.85 14.45
C PRO C 168 20.42 11.38 14.54
N TRP C 169 21.50 11.13 13.85
CA TRP C 169 21.93 9.73 13.94
C TRP C 169 23.11 9.71 14.87
N VAL C 170 22.89 9.05 16.00
CA VAL C 170 24.00 8.90 16.95
C VAL C 170 24.15 7.41 17.16
N SER C 171 25.35 6.95 16.87
CA SER C 171 25.65 5.53 16.96
C SER C 171 27.14 5.32 16.89
N ALA C 172 27.56 4.12 17.23
CA ALA C 172 29.01 3.84 17.17
C ALA C 172 29.18 3.23 15.81
N SER C 173 28.46 2.19 15.54
CA SER C 173 28.47 1.37 14.32
C SER C 173 27.82 2.04 13.15
N HIS C 174 28.52 2.38 12.06
CA HIS C 174 27.77 3.11 10.97
C HIS C 174 26.36 2.61 10.83
N PHE C 175 26.17 1.42 11.20
CA PHE C 175 24.91 0.81 11.00
C PHE C 175 24.34 0.12 12.22
N ARG C 176 23.02 0.14 12.27
CA ARG C 176 22.21 -0.49 13.33
C ARG C 176 21.37 -1.62 12.78
N LEU C 177 21.05 -2.50 13.65
CA LEU C 177 20.26 -3.69 13.34
C LEU C 177 18.79 -3.35 13.44
N THR C 178 18.00 -3.96 12.59
CA THR C 178 16.57 -3.67 12.67
C THR C 178 15.90 -4.48 13.79
N ALA C 179 16.53 -5.60 14.06
CA ALA C 179 16.06 -6.56 15.07
C ALA C 179 16.43 -6.09 16.47
N ASP C 180 15.55 -6.29 17.44
CA ASP C 180 15.77 -5.94 18.86
C ASP C 180 17.17 -6.40 19.24
N ASN C 181 17.91 -5.42 19.74
CA ASN C 181 19.31 -5.67 20.13
C ASN C 181 19.73 -4.53 21.06
N LYS C 182 20.16 -5.06 22.19
CA LYS C 182 20.62 -4.26 23.33
C LYS C 182 21.71 -3.32 22.83
N TYR C 183 22.58 -3.90 21.99
CA TYR C 183 23.65 -3.04 21.45
C TYR C 183 23.10 -1.85 20.62
N SER C 184 22.57 -2.17 19.47
CA SER C 184 21.99 -1.23 18.51
C SER C 184 20.78 -0.44 19.01
N MET C 185 20.65 -0.21 20.29
CA MET C 185 19.59 0.53 20.99
C MET C 185 19.72 1.98 20.49
N ALA C 186 18.69 2.43 19.84
CA ALA C 186 18.65 3.79 19.29
C ALA C 186 18.29 4.86 20.32
N GLY C 187 17.63 4.49 21.41
CA GLY C 187 17.28 5.53 22.39
C GLY C 187 15.78 5.75 22.48
N TYR C 188 15.45 6.82 23.16
CA TYR C 188 14.09 7.27 23.46
C TYR C 188 13.86 8.72 23.07
N ILE C 189 12.61 9.06 22.88
CA ILE C 189 12.07 10.37 22.53
C ILE C 189 10.88 10.48 23.48
N THR C 190 10.65 11.63 24.03
CA THR C 190 9.59 11.90 25.02
C THR C 190 9.03 13.29 24.84
N CYS C 191 7.90 13.59 25.45
CA CYS C 191 7.35 14.93 25.24
C CYS C 191 6.88 15.47 26.55
N TRP C 192 7.10 16.71 26.84
CA TRP C 192 6.62 17.29 28.10
C TRP C 192 6.05 18.69 27.92
N TYR C 193 5.46 19.19 28.99
CA TYR C 193 4.86 20.53 28.87
C TYR C 193 5.99 21.50 29.20
N GLN C 194 5.93 22.55 28.38
CA GLN C 194 6.91 23.64 28.58
C GLN C 194 6.17 24.63 29.48
N THR C 195 4.99 25.01 29.00
CA THR C 195 4.06 25.89 29.72
C THR C 195 2.82 25.05 30.05
N ASN C 196 1.74 25.40 29.39
CA ASN C 196 0.45 24.67 29.53
C ASN C 196 -0.34 24.75 28.22
N LEU C 197 -1.57 24.48 28.44
CA LEU C 197 -2.63 24.45 27.46
C LEU C 197 -3.61 25.42 28.07
N VAL C 198 -3.63 26.64 27.54
CA VAL C 198 -4.52 27.66 28.08
C VAL C 198 -5.63 27.89 27.10
N VAL C 199 -6.82 28.02 27.63
CA VAL C 199 -7.90 28.18 26.64
C VAL C 199 -8.77 29.20 27.31
N PRO C 200 -9.16 30.09 26.47
CA PRO C 200 -10.06 31.15 26.93
C PRO C 200 -11.42 30.44 26.90
N PRO C 201 -12.26 31.04 27.68
CA PRO C 201 -13.63 30.66 27.85
C PRO C 201 -14.46 29.81 26.94
N SER C 202 -14.86 28.68 27.52
CA SER C 202 -15.81 27.94 26.67
C SER C 202 -15.23 27.36 25.39
N THR C 203 -14.13 26.73 25.75
CA THR C 203 -13.35 26.01 24.75
C THR C 203 -13.07 24.76 25.57
N PRO C 204 -12.95 23.64 24.93
CA PRO C 204 -12.65 22.41 25.67
C PRO C 204 -11.26 22.56 26.26
N GLN C 205 -10.90 21.78 27.28
CA GLN C 205 -9.60 21.87 27.95
C GLN C 205 -8.64 20.66 27.77
N THR C 206 -9.09 19.78 26.94
CA THR C 206 -8.29 18.61 26.55
C THR C 206 -8.44 18.79 25.02
N ALA C 207 -7.45 18.29 24.34
CA ALA C 207 -7.36 18.36 22.88
C ALA C 207 -6.26 17.33 22.52
N ASP C 208 -6.34 17.03 21.25
CA ASP C 208 -5.38 16.03 20.76
C ASP C 208 -4.29 16.52 19.85
N MET C 209 -3.28 15.69 19.80
CA MET C 209 -2.11 15.94 18.94
C MET C 209 -1.93 14.59 18.23
N LEU C 210 -1.72 14.65 16.92
CA LEU C 210 -1.47 13.44 16.12
C LEU C 210 0.03 13.29 15.97
N CYS C 211 0.58 12.08 15.87
CA CYS C 211 2.03 12.21 15.65
C CYS C 211 2.44 11.35 14.46
N PHE C 212 3.50 11.79 13.79
CA PHE C 212 3.99 11.06 12.64
C PHE C 212 5.53 10.97 12.57
N VAL C 213 5.89 10.05 11.71
CA VAL C 213 7.27 9.69 11.38
C VAL C 213 7.42 9.24 9.92
N SER C 214 8.26 10.01 9.22
CA SER C 214 8.75 9.92 7.84
C SER C 214 10.28 9.80 7.96
N ALA C 215 11.01 9.47 6.93
CA ALA C 215 12.47 9.31 6.98
C ALA C 215 13.18 10.63 6.69
N CYS C 216 14.49 10.57 6.63
CA CYS C 216 15.36 11.76 6.36
C CYS C 216 16.21 11.35 5.17
N LYS C 217 16.79 12.24 4.37
CA LYS C 217 17.59 11.78 3.20
C LYS C 217 18.86 11.06 3.60
N ASP C 218 18.99 10.97 4.87
CA ASP C 218 20.07 10.32 5.58
C ASP C 218 20.00 8.81 5.38
N PHE C 219 18.82 8.37 5.72
CA PHE C 219 18.19 7.09 5.74
C PHE C 219 18.63 6.15 4.61
N CYS C 220 18.60 4.91 5.02
CA CYS C 220 18.97 3.80 4.15
C CYS C 220 18.98 2.53 4.99
N LEU C 221 18.59 1.48 4.31
CA LEU C 221 18.46 0.11 4.73
C LEU C 221 19.23 -0.87 3.86
N ARG C 222 19.28 -2.10 4.35
CA ARG C 222 19.99 -3.22 3.75
C ARG C 222 19.80 -4.57 4.42
N MET C 223 20.24 -5.54 3.67
CA MET C 223 20.27 -6.98 3.91
C MET C 223 18.80 -7.35 3.92
N ALA C 224 18.19 -7.59 2.79
CA ALA C 224 16.77 -7.93 2.82
C ALA C 224 16.63 -9.30 3.50
N ARG C 225 15.52 -9.38 4.21
CA ARG C 225 15.07 -10.53 5.00
C ARG C 225 13.56 -10.52 5.05
N ASP C 226 12.93 -11.60 5.39
CA ASP C 226 11.45 -11.74 5.46
C ASP C 226 10.93 -11.07 6.72
N THR C 227 9.80 -10.43 6.74
CA THR C 227 9.23 -9.75 7.90
C THR C 227 8.86 -10.51 9.16
N ASP C 228 8.75 -9.69 10.19
CA ASP C 228 8.43 -9.92 11.57
C ASP C 228 6.94 -9.81 11.92
N LEU C 229 6.50 -8.64 11.54
CA LEU C 229 5.17 -8.11 11.73
C LEU C 229 4.08 -8.83 10.95
N HIS C 230 4.25 -10.09 10.60
CA HIS C 230 3.18 -10.82 9.90
C HIS C 230 3.40 -12.31 9.79
N ILE C 231 2.70 -13.03 10.63
CA ILE C 231 2.71 -14.51 10.72
C ILE C 231 1.40 -15.04 10.08
N GLN C 232 1.64 -15.80 8.99
CA GLN C 232 0.46 -16.33 8.32
C GLN C 232 0.18 -17.72 8.94
N SER C 233 -0.47 -17.54 10.09
CA SER C 233 -0.92 -18.77 10.80
C SER C 233 -2.33 -19.02 10.24
N GLY C 234 -2.12 -19.51 9.03
CA GLY C 234 -3.15 -19.90 8.06
C GLY C 234 -2.86 -21.41 7.94
N PRO C 235 -2.97 -21.84 6.71
CA PRO C 235 -3.30 -21.18 5.48
C PRO C 235 -4.60 -20.39 5.31
N ILE C 236 -4.56 -19.99 4.05
CA ILE C 236 -5.30 -19.25 3.09
C ILE C 236 -6.12 -20.19 2.19
N GLU C 237 -7.43 -19.86 2.20
CA GLU C 237 -8.35 -20.67 1.38
C GLU C 237 -8.61 -20.30 -0.07
N GLN C 238 -9.85 -20.57 -0.42
CA GLN C 238 -10.42 -20.33 -1.74
C GLN C 238 -11.88 -19.86 -1.62
N TYR D 26 31.99 -10.28 -17.69
CA TYR D 26 31.01 -11.10 -18.47
C TYR D 26 29.57 -10.57 -18.32
N PHE D 27 28.99 -10.36 -19.53
CA PHE D 27 27.62 -9.76 -19.59
C PHE D 27 27.15 -9.18 -20.95
N ASN D 28 25.80 -9.21 -20.94
CA ASN D 28 24.98 -8.76 -22.07
C ASN D 28 25.02 -9.97 -23.03
N ILE D 29 25.11 -11.16 -22.44
CA ILE D 29 25.18 -12.24 -23.49
C ILE D 29 23.84 -12.91 -23.33
N ASN D 30 22.85 -12.25 -23.90
CA ASN D 30 21.49 -12.86 -23.77
C ASN D 30 21.59 -14.12 -24.59
N TYR D 31 21.89 -15.18 -23.86
CA TYR D 31 22.02 -16.44 -24.59
C TYR D 31 20.68 -16.75 -25.23
N PHE D 32 19.56 -16.29 -24.69
CA PHE D 32 18.21 -16.54 -25.23
C PHE D 32 17.62 -15.30 -25.91
N LYS D 33 16.99 -15.62 -27.02
CA LYS D 33 16.29 -14.79 -28.00
C LYS D 33 15.33 -13.72 -27.46
N ASP D 34 14.34 -14.17 -26.73
CA ASP D 34 13.26 -13.39 -26.10
C ASP D 34 13.81 -12.45 -25.06
N ALA D 35 13.02 -11.44 -24.76
CA ALA D 35 13.62 -10.47 -23.80
C ALA D 35 13.23 -10.77 -22.39
N ALA D 36 12.09 -11.42 -22.30
CA ALA D 36 11.48 -11.84 -21.04
C ALA D 36 12.43 -12.74 -20.25
N SER D 37 13.40 -13.22 -21.00
CA SER D 37 14.38 -14.13 -20.45
C SER D 37 15.62 -13.29 -20.41
N SER D 38 16.05 -13.01 -19.23
CA SER D 38 17.28 -12.18 -19.19
C SER D 38 17.49 -12.02 -17.71
N GLY D 39 18.56 -11.39 -17.33
CA GLY D 39 18.83 -11.20 -15.91
C GLY D 39 17.91 -10.07 -15.44
N ALA D 40 18.07 -9.88 -14.15
CA ALA D 40 17.37 -8.86 -13.36
C ALA D 40 17.88 -7.66 -14.15
N SER D 41 16.94 -6.75 -14.27
CA SER D 41 17.34 -5.55 -15.05
C SER D 41 18.39 -4.83 -14.19
N ARG D 42 18.75 -3.68 -14.77
CA ARG D 42 19.73 -2.71 -14.36
C ARG D 42 19.25 -1.60 -13.46
N LEU D 43 19.96 -0.47 -13.36
CA LEU D 43 19.35 0.39 -12.31
C LEU D 43 18.91 1.81 -12.59
N ASP D 44 19.94 2.50 -13.11
CA ASP D 44 19.65 3.94 -13.42
C ASP D 44 18.41 4.43 -12.60
#